data_5HG1
#
_entry.id   5HG1
#
_cell.length_a   165.120
_cell.length_b   165.120
_cell.length_c   126.478
_cell.angle_alpha   90.00
_cell.angle_beta   90.00
_cell.angle_gamma   120.00
#
_symmetry.space_group_name_H-M   'P 31 2 1'
#
loop_
_entity.id
_entity.type
_entity.pdbx_description
1 polymer Hexokinase-2
2 non-polymer 2-deoxy-2-{[(2E)-3-(3,4-dichlorophenyl)prop-2-enoyl]amino}-alpha-D-glucopyranose
3 non-polymer 6-O-phosphono-beta-D-glucopyranose
4 non-polymer 'CITRATE ANION'
5 water water
#
_entity_poly.entity_id   1
_entity_poly.type   'polypeptide(L)'
_entity_poly.pdbx_seq_one_letter_code
;MGSSHHHHHHSSGLENLYFQGSDQVQKVDQYLYHMRLSDETLLEISKRFRKEMEKGLGATTHPTAAVKMLPTFVRSTPDG
TEHGEFLALDLGGTNFRVLWVKVTDNGLQKVEMENQIYAIPEDIMRGSGTQLFDHIAECLANFMDKLQIKDKKLPLGFTF
SFPCHQTKLDESFLVSWTKGFKSSGVEGRDVVALIRKAIQRRGDFDIDIVAVVNDTVGTMMTCGYDDHNCEIGLIVGTGS
NACYMEEMRHIDMVEGDEGRMCINMEWGAFGDDGSLNDIRTEFDQEIDMGSLNPGKQLFEKMISGMYMGELVRLILVKMA
KEELLFGGKLSPELLNTGRFETKDISDIEGEKDGIRKAREVLMRLGLDPTQEDCVATHRICQIVSTRSASLCAATLAAVL
QRIKENKGEERLRSTIGVDGSVYKKHPHFAKRLHKTVRRLVPGCDVRFLRSEDGSGKGAAMVTAVAYRLADQHRARQKTL
EHLQLSHDQLLEVKRRMKVEMERGLSKETHASAPVKMLPTYVCATPDGTEKGDFLALDLGGTNFRVLLVRVRNGKWGGVE
MHNKIYAIPQEVMHGTGDELFDHIVQCIADFLEYMGMKGVSLPLGFTFSFPCQQNSLDESILLKWTKGFKASGCEGEDVV
TLLKEAIHRREEFDLDVVAVVNDTVGTMMTCGFEDPHCEVGLIVGTGSNACYMEEMRNVELVEGEEGRMCVNMEWGAFGD
NGCLDDFRTEFDVAVDELSLNPGKQRFEKMISGMYLGEIVRNILIDFTKRGLLFRGRISERLKTRGIFETKFLSQIESDC
LALLQVRAILQHLGLESTCDDSIIVKEVCTVVARRAAQLCGAGMAAVVDRIRENRGLDALKVTVGVDGTLYKLHPHFAKV
MHETVKDLAPKCDVSFLQSEDGSGKGAALITAVACRIREAGQ
;
_entity_poly.pdbx_strand_id   A
#
# COMPACT_ATOMS: atom_id res chain seq x y z
N ASP A 23 39.00 37.41 -28.87
CA ASP A 23 39.92 38.32 -28.16
C ASP A 23 39.22 39.29 -27.23
N GLN A 24 38.15 39.90 -27.73
CA GLN A 24 37.28 40.71 -26.86
C GLN A 24 36.52 39.84 -25.86
N VAL A 25 36.16 38.61 -26.26
CA VAL A 25 35.49 37.71 -25.34
C VAL A 25 36.38 37.43 -24.15
N GLN A 26 37.61 36.99 -24.40
CA GLN A 26 38.47 36.59 -23.29
C GLN A 26 38.57 37.68 -22.22
N LYS A 27 38.37 38.94 -22.60
CA LYS A 27 38.33 40.00 -21.59
C LYS A 27 37.01 39.98 -20.83
N VAL A 28 35.89 39.82 -21.54
CA VAL A 28 34.61 39.65 -20.86
C VAL A 28 34.63 38.40 -19.96
N ASP A 29 35.04 37.25 -20.52
CA ASP A 29 35.18 36.04 -19.71
C ASP A 29 35.97 36.31 -18.44
N GLN A 30 37.08 37.06 -18.55
CA GLN A 30 37.91 37.35 -17.39
C GLN A 30 37.21 38.32 -16.45
N TYR A 31 36.40 39.21 -16.99
CA TYR A 31 35.80 40.26 -16.16
C TYR A 31 34.58 39.74 -15.42
N LEU A 32 33.74 38.97 -16.11
CA LEU A 32 32.58 38.30 -15.58
C LEU A 32 32.93 36.93 -14.98
N TYR A 33 34.21 36.71 -14.71
CA TYR A 33 34.78 35.49 -14.18
C TYR A 33 33.94 34.82 -13.08
N HIS A 34 33.36 35.61 -12.17
CA HIS A 34 32.56 35.04 -11.10
C HIS A 34 31.17 34.58 -11.56
N MET A 35 30.73 34.95 -12.77
CA MET A 35 29.47 34.48 -13.33
C MET A 35 29.62 33.29 -14.28
N ARG A 36 30.81 32.71 -14.40
CA ARG A 36 31.00 31.51 -15.19
C ARG A 36 31.37 30.39 -14.21
N LEU A 37 30.41 29.48 -13.98
CA LEU A 37 30.44 28.56 -12.85
C LEU A 37 30.96 27.19 -13.31
N SER A 38 32.01 26.71 -12.66
CA SER A 38 32.59 25.41 -12.98
C SER A 38 31.66 24.28 -12.57
N ASP A 39 31.88 23.09 -13.15
CA ASP A 39 31.13 21.92 -12.75
C ASP A 39 31.35 21.59 -11.27
N GLU A 40 32.54 21.86 -10.76
CA GLU A 40 32.81 21.61 -9.35
C GLU A 40 31.89 22.45 -8.46
N THR A 41 31.71 23.73 -8.78
CA THR A 41 30.85 24.53 -7.91
C THR A 41 29.37 24.27 -8.17
N LEU A 42 29.02 23.68 -9.32
CA LEU A 42 27.63 23.30 -9.54
C LEU A 42 27.25 22.04 -8.75
N LEU A 43 28.20 21.12 -8.57
CA LEU A 43 27.98 20.00 -7.68
C LEU A 43 27.85 20.48 -6.24
N GLU A 44 28.69 21.44 -5.84
CA GLU A 44 28.52 22.08 -4.54
C GLU A 44 27.11 22.63 -4.39
N ILE A 45 26.62 23.33 -5.40
CA ILE A 45 25.30 23.94 -5.30
C ILE A 45 24.22 22.88 -5.20
N SER A 46 24.29 21.84 -6.04
CA SER A 46 23.24 20.82 -6.02
C SER A 46 23.20 20.08 -4.68
N LYS A 47 24.37 19.71 -4.16
CA LYS A 47 24.43 19.17 -2.81
C LYS A 47 23.77 20.10 -1.82
N ARG A 48 24.06 21.40 -1.90
CA ARG A 48 23.44 22.35 -0.98
C ARG A 48 21.93 22.34 -1.13
N PHE A 49 21.44 22.17 -2.36
CA PHE A 49 20.00 22.19 -2.54
C PHE A 49 19.36 20.90 -2.03
N ARG A 50 20.12 19.81 -1.95
CA ARG A 50 19.54 18.63 -1.34
C ARG A 50 19.34 18.84 0.16
N LYS A 51 20.34 19.40 0.85
CA LYS A 51 20.13 19.79 2.25
C LYS A 51 18.92 20.70 2.37
N GLU A 52 18.77 21.66 1.47
CA GLU A 52 17.60 22.52 1.55
C GLU A 52 16.34 21.71 1.31
N MET A 53 16.46 20.64 0.53
CA MET A 53 15.31 19.79 0.23
C MET A 53 14.83 19.07 1.48
N GLU A 54 15.76 18.43 2.17
CA GLU A 54 15.41 17.67 3.36
C GLU A 54 14.89 18.58 4.47
N LYS A 55 15.44 19.79 4.60
CA LYS A 55 14.98 20.68 5.66
C LYS A 55 13.51 21.04 5.48
N GLY A 56 13.06 21.19 4.24
CA GLY A 56 11.69 21.60 4.03
C GLY A 56 10.71 20.46 4.19
N LEU A 57 11.17 19.23 3.95
CA LEU A 57 10.35 18.05 4.17
C LEU A 57 10.25 17.69 5.65
N GLY A 58 11.37 17.74 6.38
CA GLY A 58 11.43 17.55 7.82
C GLY A 58 10.44 18.37 8.61
N ALA A 59 9.91 17.80 9.70
CA ALA A 59 8.81 18.42 10.41
C ALA A 59 9.28 19.56 11.33
N THR A 60 10.43 19.37 11.99
CA THR A 60 10.96 20.44 12.83
C THR A 60 11.53 21.58 11.99
N THR A 61 12.22 21.24 10.90
CA THR A 61 12.93 22.22 10.07
C THR A 61 12.02 23.00 9.14
N HIS A 62 10.90 22.44 8.72
CA HIS A 62 10.05 23.09 7.74
C HIS A 62 9.86 24.59 7.99
N PRO A 63 9.36 25.00 9.15
CA PRO A 63 8.94 26.41 9.31
C PRO A 63 10.08 27.42 9.15
N THR A 64 11.33 26.98 9.30
CA THR A 64 12.55 27.73 9.03
C THR A 64 13.21 27.40 7.69
N ALA A 65 12.67 26.44 6.94
CA ALA A 65 13.30 26.07 5.68
C ALA A 65 13.07 27.16 4.64
N ALA A 66 14.12 27.51 3.90
CA ALA A 66 13.94 28.45 2.80
C ALA A 66 13.19 27.81 1.63
N VAL A 67 13.48 26.55 1.33
CA VAL A 67 12.79 25.82 0.28
C VAL A 67 11.66 25.07 0.94
N LYS A 68 10.41 25.48 0.67
CA LYS A 68 9.30 25.06 1.51
C LYS A 68 8.91 23.60 1.29
N MET A 69 9.02 23.07 0.07
CA MET A 69 8.75 21.66 -0.17
C MET A 69 7.28 21.33 0.08
N LEU A 70 6.43 22.20 -0.43
CA LEU A 70 4.99 22.13 -0.15
C LEU A 70 4.37 20.84 -0.68
N PRO A 71 3.50 20.20 0.11
CA PRO A 71 2.69 19.09 -0.41
C PRO A 71 1.64 19.57 -1.41
N THR A 72 1.59 18.88 -2.54
CA THR A 72 0.65 19.17 -3.63
C THR A 72 -0.69 18.47 -3.49
N PHE A 73 -0.70 17.30 -2.85
CA PHE A 73 -1.84 16.38 -2.77
C PHE A 73 -2.22 15.78 -4.12
N VAL A 74 -1.28 15.77 -5.06
CA VAL A 74 -1.37 14.97 -6.28
C VAL A 74 -0.64 13.67 -6.00
N ARG A 75 -1.38 12.57 -5.91
CA ARG A 75 -0.75 11.34 -5.49
C ARG A 75 -0.49 10.35 -6.62
N SER A 76 -0.99 10.62 -7.82
CA SER A 76 -0.75 9.76 -8.97
C SER A 76 -0.51 10.65 -10.17
N THR A 77 0.51 10.30 -10.97
CA THR A 77 0.68 10.90 -12.30
C THR A 77 -0.39 10.30 -13.20
N PRO A 78 -0.47 10.67 -14.47
CA PRO A 78 -1.58 10.18 -15.28
C PRO A 78 -1.41 8.73 -15.71
N ASP A 79 -2.56 8.09 -15.88
CA ASP A 79 -2.68 6.66 -16.12
C ASP A 79 -2.53 6.32 -17.59
N GLY A 80 -3.10 7.18 -18.44
CA GLY A 80 -3.36 6.87 -19.82
C GLY A 80 -4.81 6.53 -20.09
N THR A 81 -5.53 6.08 -19.09
CA THR A 81 -6.93 5.68 -19.22
C THR A 81 -7.90 6.80 -18.91
N GLU A 82 -7.43 7.96 -18.48
CA GLU A 82 -8.35 9.01 -18.07
C GLU A 82 -9.28 9.32 -19.23
N HIS A 83 -10.52 9.66 -18.91
CA HIS A 83 -11.48 10.06 -19.94
C HIS A 83 -12.54 10.94 -19.30
N GLY A 84 -13.06 11.86 -20.07
CA GLY A 84 -14.19 12.66 -19.62
C GLY A 84 -14.12 14.05 -20.20
N GLU A 85 -15.15 14.83 -19.86
CA GLU A 85 -15.19 16.26 -20.17
C GLU A 85 -14.80 17.02 -18.91
N PHE A 86 -13.73 17.81 -19.00
CA PHE A 86 -13.17 18.50 -17.85
C PHE A 86 -13.08 19.99 -18.10
N LEU A 87 -12.99 20.74 -17.01
CA LEU A 87 -13.13 22.19 -17.02
C LEU A 87 -12.05 22.78 -16.13
N ALA A 88 -11.58 23.98 -16.47
CA ALA A 88 -10.47 24.55 -15.70
C ALA A 88 -10.13 25.94 -16.21
N LEU A 89 -9.36 26.67 -15.40
CA LEU A 89 -9.09 28.08 -15.61
C LEU A 89 -7.69 28.43 -15.12
N ASP A 90 -7.02 29.32 -15.84
CA ASP A 90 -5.68 29.78 -15.51
C ASP A 90 -5.77 31.18 -14.91
N LEU A 91 -5.36 31.31 -13.65
CA LEU A 91 -5.46 32.56 -12.91
C LEU A 91 -4.17 33.37 -12.91
N GLY A 92 -3.15 32.94 -13.67
CA GLY A 92 -1.85 33.58 -13.62
C GLY A 92 -1.90 35.09 -13.72
N GLY A 93 -2.98 35.61 -14.32
CA GLY A 93 -3.21 37.04 -14.42
C GLY A 93 -2.71 37.66 -15.70
N THR A 94 -1.74 37.05 -16.36
CA THR A 94 -1.37 37.46 -17.71
C THR A 94 -2.59 37.31 -18.61
N ASN A 95 -2.97 36.06 -18.88
CA ASN A 95 -4.15 35.78 -19.69
C ASN A 95 -5.45 35.89 -18.88
N PHE A 96 -5.50 35.22 -17.71
CA PHE A 96 -6.76 34.97 -16.99
C PHE A 96 -7.68 34.01 -17.76
N ARG A 97 -7.07 33.10 -18.53
CA ARG A 97 -7.79 32.24 -19.46
C ARG A 97 -8.69 31.25 -18.73
N VAL A 98 -9.64 30.68 -19.49
CA VAL A 98 -10.48 29.57 -19.03
C VAL A 98 -10.47 28.50 -20.12
N LEU A 99 -9.99 27.31 -19.78
CA LEU A 99 -9.80 26.25 -20.76
C LEU A 99 -10.94 25.24 -20.71
N TRP A 100 -10.90 24.30 -21.66
CA TRP A 100 -11.83 23.17 -21.75
C TRP A 100 -11.12 22.03 -22.45
N VAL A 101 -11.35 20.80 -21.99
CA VAL A 101 -10.65 19.64 -22.56
C VAL A 101 -11.52 18.39 -22.41
N LYS A 102 -11.36 17.46 -23.35
CA LYS A 102 -11.95 16.14 -23.29
C LYS A 102 -10.90 15.12 -23.69
N VAL A 103 -10.91 13.94 -23.03
CA VAL A 103 -9.90 12.92 -23.22
C VAL A 103 -10.59 11.61 -23.55
N THR A 104 -9.83 10.69 -24.17
CA THR A 104 -10.28 9.32 -24.37
C THR A 104 -9.09 8.36 -24.33
N ASP A 105 -9.39 7.10 -23.99
CA ASP A 105 -8.39 6.07 -23.71
C ASP A 105 -7.88 5.35 -24.96
N ASN A 106 -8.31 5.76 -26.15
CA ASN A 106 -7.76 5.22 -27.40
C ASN A 106 -6.34 5.75 -27.63
N GLY A 107 -5.73 5.30 -28.72
CA GLY A 107 -4.32 5.56 -28.95
C GLY A 107 -3.94 7.02 -29.12
N LEU A 108 -4.56 7.70 -30.08
CA LEU A 108 -4.27 9.12 -30.32
C LEU A 108 -4.61 9.92 -29.07
N GLN A 109 -3.63 10.67 -28.58
CA GLN A 109 -3.71 11.27 -27.26
C GLN A 109 -4.14 12.73 -27.28
N LYS A 110 -4.49 13.28 -28.44
CA LYS A 110 -4.89 14.67 -28.50
C LYS A 110 -6.14 14.89 -27.63
N VAL A 111 -6.05 15.88 -26.74
CA VAL A 111 -7.14 16.26 -25.87
C VAL A 111 -7.81 17.48 -26.49
N GLU A 112 -9.11 17.40 -26.77
CA GLU A 112 -9.77 18.51 -27.44
C GLU A 112 -9.82 19.71 -26.48
N MET A 113 -9.17 20.81 -26.87
CA MET A 113 -9.01 21.97 -26.01
C MET A 113 -9.55 23.20 -26.73
N GLU A 114 -10.45 23.92 -26.06
CA GLU A 114 -10.99 25.16 -26.57
C GLU A 114 -11.13 26.15 -25.42
N ASN A 115 -10.55 27.34 -25.57
CA ASN A 115 -10.60 28.38 -24.54
C ASN A 115 -10.60 29.75 -25.20
N GLN A 116 -11.03 30.75 -24.43
CA GLN A 116 -10.88 32.15 -24.81
C GLN A 116 -10.49 32.95 -23.58
N ILE A 117 -9.60 33.93 -23.77
CA ILE A 117 -8.96 34.63 -22.66
C ILE A 117 -9.93 35.66 -22.07
N TYR A 118 -9.52 36.33 -21.00
CA TYR A 118 -10.34 37.34 -20.33
C TYR A 118 -9.47 38.39 -19.62
N GLY A 129 -14.41 40.66 -1.81
CA GLY A 129 -15.82 40.65 -1.45
C GLY A 129 -16.65 39.61 -2.21
N THR A 130 -17.97 39.70 -2.04
CA THR A 130 -18.89 38.74 -2.69
C THR A 130 -19.04 39.02 -4.18
N GLN A 131 -19.12 40.30 -4.57
CA GLN A 131 -19.09 40.66 -5.98
C GLN A 131 -17.80 40.23 -6.65
N LEU A 132 -16.78 39.86 -5.86
CA LEU A 132 -15.43 39.72 -6.38
C LEU A 132 -15.24 38.39 -7.12
N PHE A 133 -15.93 37.33 -6.70
CA PHE A 133 -15.88 36.06 -7.43
C PHE A 133 -16.80 36.06 -8.65
N ASP A 134 -17.90 36.79 -8.59
CA ASP A 134 -18.96 36.71 -9.58
C ASP A 134 -18.72 37.63 -10.77
N HIS A 135 -17.54 38.26 -10.86
CA HIS A 135 -17.31 39.35 -11.80
C HIS A 135 -17.28 38.85 -13.24
N ILE A 136 -16.25 38.10 -13.61
CA ILE A 136 -16.28 37.33 -14.87
C ILE A 136 -16.67 35.87 -14.64
N ALA A 137 -17.00 35.49 -13.40
CA ALA A 137 -17.56 34.17 -13.12
C ALA A 137 -18.90 33.95 -13.80
N GLU A 138 -19.45 34.99 -14.43
CA GLU A 138 -20.64 34.84 -15.27
C GLU A 138 -20.38 33.97 -16.50
N CYS A 139 -19.14 33.54 -16.72
CA CYS A 139 -18.77 32.80 -17.92
C CYS A 139 -19.14 31.33 -17.89
N LEU A 140 -19.73 30.84 -16.79
CA LEU A 140 -20.19 29.45 -16.76
C LEU A 140 -21.15 29.18 -17.93
N ALA A 141 -22.09 30.10 -18.16
CA ALA A 141 -22.88 30.09 -19.39
C ALA A 141 -22.15 30.78 -20.54
N ASN A 142 -21.17 31.64 -20.24
CA ASN A 142 -20.46 32.38 -21.28
C ASN A 142 -19.38 31.54 -21.96
N PHE A 143 -18.83 30.54 -21.27
CA PHE A 143 -17.94 29.59 -21.94
C PHE A 143 -18.68 28.35 -22.39
N MET A 144 -20.00 28.30 -22.16
CA MET A 144 -20.90 27.37 -22.82
C MET A 144 -21.30 27.86 -24.21
N ASP A 145 -20.79 29.02 -24.63
CA ASP A 145 -21.01 29.49 -25.99
C ASP A 145 -20.61 28.43 -27.01
N LYS A 146 -19.67 27.55 -26.64
CA LYS A 146 -19.31 26.43 -27.52
C LYS A 146 -20.28 25.27 -27.34
N LEU A 147 -20.21 24.58 -26.20
CA LEU A 147 -21.01 23.38 -25.96
C LEU A 147 -22.28 23.64 -25.16
N GLN A 148 -22.57 24.90 -24.79
CA GLN A 148 -23.78 25.24 -24.04
C GLN A 148 -23.98 24.25 -22.88
N ILE A 149 -22.91 24.08 -22.10
CA ILE A 149 -22.80 22.99 -21.13
C ILE A 149 -23.43 23.29 -19.78
N LYS A 150 -24.08 24.44 -19.62
CA LYS A 150 -24.57 24.84 -18.30
C LYS A 150 -25.52 23.82 -17.70
N ASP A 151 -25.99 22.84 -18.48
CA ASP A 151 -26.79 21.73 -17.96
C ASP A 151 -25.94 20.55 -17.52
N LYS A 152 -24.61 20.64 -17.59
CA LYS A 152 -23.70 19.56 -17.24
C LYS A 152 -22.91 19.94 -16.00
N LYS A 153 -23.20 19.28 -14.88
CA LYS A 153 -22.45 19.49 -13.64
C LYS A 153 -21.12 18.74 -13.74
N LEU A 154 -20.01 19.49 -13.70
CA LEU A 154 -18.77 19.01 -14.29
C LEU A 154 -17.57 19.39 -13.45
N PRO A 155 -16.54 18.53 -13.40
CA PRO A 155 -15.38 18.81 -12.53
C PRO A 155 -14.55 19.97 -13.04
N LEU A 156 -13.92 20.67 -12.10
CA LEU A 156 -13.21 21.92 -12.36
C LEU A 156 -11.76 21.80 -11.90
N GLY A 157 -10.83 21.95 -12.84
CA GLY A 157 -9.42 22.14 -12.49
C GLY A 157 -9.15 23.62 -12.27
N PHE A 158 -8.27 23.90 -11.31
CA PHE A 158 -8.08 25.29 -10.87
C PHE A 158 -6.60 25.54 -10.62
N THR A 159 -6.05 26.53 -11.33
CA THR A 159 -4.66 26.96 -11.15
C THR A 159 -4.65 28.41 -10.69
N PHE A 160 -3.77 28.71 -9.72
CA PHE A 160 -3.89 29.94 -8.93
C PHE A 160 -2.51 30.57 -8.78
N SER A 161 -2.35 31.80 -9.27
CA SER A 161 -1.03 32.42 -9.37
C SER A 161 -0.44 32.75 -7.99
N PHE A 162 -1.21 33.44 -7.15
CA PHE A 162 -0.71 33.94 -5.87
C PHE A 162 -0.33 32.80 -4.93
N PRO A 163 0.46 33.09 -3.90
CA PRO A 163 0.88 32.04 -2.95
C PRO A 163 -0.21 31.69 -1.94
N CYS A 164 -0.18 30.44 -1.48
CA CYS A 164 -1.22 29.95 -0.58
C CYS A 164 -0.65 28.94 0.41
N HIS A 165 -1.53 28.42 1.25
CA HIS A 165 -1.28 27.26 2.10
C HIS A 165 -2.47 26.31 1.93
N GLN A 166 -2.23 25.12 1.38
CA GLN A 166 -3.31 24.18 1.12
C GLN A 166 -3.15 22.91 1.95
N THR A 167 -4.28 22.48 2.51
CA THR A 167 -4.37 21.26 3.30
C THR A 167 -4.93 20.04 2.55
N LYS A 168 -5.37 20.21 1.31
CA LYS A 168 -5.96 19.13 0.51
C LYS A 168 -5.92 19.55 -0.95
N LEU A 169 -6.34 18.65 -1.86
CA LEU A 169 -6.45 19.06 -3.26
C LEU A 169 -7.42 20.22 -3.42
N ASP A 170 -8.57 20.16 -2.76
CA ASP A 170 -9.43 21.34 -2.67
C ASP A 170 -9.34 21.89 -1.26
N GLU A 171 -8.50 22.90 -1.08
CA GLU A 171 -8.54 23.81 0.07
C GLU A 171 -7.28 24.67 0.02
N SER A 172 -7.35 25.90 0.52
CA SER A 172 -6.24 26.87 0.41
C SER A 172 -6.67 28.21 0.98
N PHE A 173 -5.71 29.09 1.26
CA PHE A 173 -6.06 30.48 1.56
C PHE A 173 -4.89 31.36 1.17
N LEU A 174 -5.20 32.52 0.59
CA LEU A 174 -4.15 33.41 0.10
C LEU A 174 -3.47 34.12 1.26
N VAL A 175 -2.15 34.28 1.15
CA VAL A 175 -1.41 35.22 1.98
C VAL A 175 -1.01 36.52 1.26
N SER A 176 -1.42 36.75 0.00
CA SER A 176 -1.03 38.02 -0.64
C SER A 176 -1.64 38.36 -2.01
N GLY A 188 -8.85 36.78 1.80
CA GLY A 188 -7.77 35.90 2.18
C GLY A 188 -8.13 34.85 3.22
N ARG A 189 -9.23 34.11 3.00
CA ARG A 189 -9.72 33.13 3.95
C ARG A 189 -9.72 31.71 3.38
N ASP A 190 -10.51 31.43 2.34
CA ASP A 190 -10.82 30.04 1.98
C ASP A 190 -10.54 29.69 0.52
N VAL A 191 -11.01 30.52 -0.43
CA VAL A 191 -10.95 30.24 -1.88
C VAL A 191 -11.78 29.02 -2.23
N VAL A 192 -11.13 27.87 -2.49
CA VAL A 192 -11.76 26.72 -3.15
C VAL A 192 -13.20 26.51 -2.69
N ALA A 193 -13.46 26.72 -1.40
CA ALA A 193 -14.85 26.70 -0.94
C ALA A 193 -15.58 28.00 -1.25
N LEU A 194 -14.87 29.12 -1.26
CA LEU A 194 -15.53 30.43 -1.45
C LEU A 194 -15.98 30.63 -2.89
N ILE A 195 -15.23 30.09 -3.86
CA ILE A 195 -15.65 30.15 -5.26
C ILE A 195 -16.91 29.31 -5.49
N ARG A 196 -17.22 28.40 -4.56
CA ARG A 196 -18.40 27.54 -4.68
C ARG A 196 -19.68 28.26 -4.27
N LYS A 197 -19.69 28.92 -3.11
CA LYS A 197 -20.89 29.59 -2.66
C LYS A 197 -21.30 30.72 -3.61
N ALA A 198 -20.39 31.14 -4.49
CA ALA A 198 -20.76 31.94 -5.65
C ALA A 198 -21.63 31.17 -6.64
N ILE A 199 -21.83 29.87 -6.43
CA ILE A 199 -22.68 29.06 -7.30
C ILE A 199 -24.14 29.29 -6.93
N GLN A 200 -24.91 29.84 -7.87
CA GLN A 200 -26.30 30.22 -7.68
C GLN A 200 -26.49 30.97 -6.36
N ILE A 207 -22.28 24.05 -10.36
CA ILE A 207 -21.89 22.64 -10.43
C ILE A 207 -20.37 22.48 -10.57
N ASP A 208 -19.74 21.78 -9.64
CA ASP A 208 -18.31 21.52 -9.77
C ASP A 208 -17.88 20.35 -8.89
N ILE A 209 -16.74 19.77 -9.25
CA ILE A 209 -15.90 18.94 -8.39
C ILE A 209 -14.47 19.37 -8.68
N VAL A 210 -13.72 19.81 -7.66
CA VAL A 210 -12.59 20.69 -7.91
C VAL A 210 -11.34 20.27 -7.15
N ALA A 211 -10.18 20.63 -7.73
CA ALA A 211 -8.87 20.61 -7.06
C ALA A 211 -8.05 21.80 -7.54
N VAL A 212 -7.05 22.20 -6.74
CA VAL A 212 -6.27 23.41 -6.98
C VAL A 212 -4.79 23.07 -7.00
N VAL A 213 -4.09 23.51 -8.04
CA VAL A 213 -2.75 23.02 -8.29
C VAL A 213 -1.82 24.14 -8.80
N ASN A 214 -0.55 24.04 -8.42
CA ASN A 214 0.50 24.94 -8.87
C ASN A 214 0.77 24.74 -10.35
N ASP A 215 1.24 25.80 -11.01
CA ASP A 215 1.49 25.70 -12.44
C ASP A 215 2.65 24.76 -12.74
N THR A 216 3.53 24.50 -11.78
CA THR A 216 4.59 23.52 -12.05
C THR A 216 4.05 22.10 -12.00
N VAL A 217 3.04 21.84 -11.17
CA VAL A 217 2.43 20.52 -11.13
C VAL A 217 1.61 20.30 -12.39
N GLY A 218 0.85 21.32 -12.81
CA GLY A 218 0.12 21.21 -14.06
C GLY A 218 1.01 20.89 -15.24
N THR A 219 2.23 21.42 -15.23
CA THR A 219 3.17 21.10 -16.30
C THR A 219 3.58 19.63 -16.23
N MET A 220 4.00 19.16 -15.05
CA MET A 220 4.37 17.74 -14.94
C MET A 220 3.24 16.84 -15.40
N MET A 221 1.99 17.19 -15.08
CA MET A 221 0.86 16.28 -15.33
C MET A 221 0.49 16.15 -16.81
N THR A 222 0.60 17.23 -17.60
CA THR A 222 0.29 17.10 -19.03
C THR A 222 1.42 16.40 -19.78
N CYS A 223 2.67 16.64 -19.39
CA CYS A 223 3.75 15.82 -19.93
C CYS A 223 3.63 14.37 -19.47
N GLY A 224 2.94 14.12 -18.36
CA GLY A 224 2.75 12.76 -17.90
C GLY A 224 1.75 12.00 -18.74
N TYR A 225 0.66 12.65 -19.13
CA TYR A 225 -0.29 12.01 -20.04
C TYR A 225 0.33 11.69 -21.40
N ASP A 226 1.31 12.49 -21.85
CA ASP A 226 2.02 12.22 -23.11
C ASP A 226 3.18 11.24 -22.93
N ASP A 227 3.84 11.26 -21.78
CA ASP A 227 4.88 10.29 -21.44
C ASP A 227 4.64 9.85 -20.00
N HIS A 228 4.49 8.55 -19.78
CA HIS A 228 4.11 8.09 -18.46
C HIS A 228 5.29 8.01 -17.51
N ASN A 229 6.48 8.33 -17.97
CA ASN A 229 7.67 8.27 -17.14
C ASN A 229 8.02 9.63 -16.51
N CYS A 230 7.12 10.61 -16.60
CA CYS A 230 7.43 11.99 -16.18
C CYS A 230 7.09 12.20 -14.71
N GLU A 231 8.14 12.30 -13.90
CA GLU A 231 8.06 12.57 -12.47
C GLU A 231 8.43 14.00 -12.04
N ILE A 232 8.83 14.89 -12.97
CA ILE A 232 9.31 16.23 -12.62
C ILE A 232 8.62 17.24 -13.53
N GLY A 233 7.98 18.26 -12.93
CA GLY A 233 7.65 19.49 -13.65
C GLY A 233 8.69 20.60 -13.49
N LEU A 234 8.89 21.40 -14.54
CA LEU A 234 9.89 22.48 -14.49
C LEU A 234 9.43 23.72 -15.26
N ILE A 235 9.49 24.88 -14.62
CA ILE A 235 9.18 26.14 -15.30
C ILE A 235 10.38 27.07 -15.25
N VAL A 236 10.81 27.57 -16.41
CA VAL A 236 11.74 28.70 -16.46
C VAL A 236 11.17 29.72 -17.42
N GLY A 237 10.79 30.88 -16.89
CA GLY A 237 9.84 31.78 -17.51
C GLY A 237 9.93 33.11 -16.79
N THR A 238 8.83 33.88 -16.79
CA THR A 238 8.76 35.05 -15.94
C THR A 238 9.32 34.76 -14.55
N GLY A 239 8.83 33.69 -13.90
CA GLY A 239 9.44 33.11 -12.72
C GLY A 239 10.06 31.73 -13.00
N SER A 240 10.65 31.14 -11.96
CA SER A 240 11.16 29.77 -12.05
C SER A 240 10.93 28.94 -10.79
N ASN A 241 10.38 27.73 -10.97
CA ASN A 241 10.10 26.79 -9.89
C ASN A 241 10.20 25.35 -10.45
N ALA A 242 9.97 24.34 -9.59
CA ALA A 242 9.83 22.95 -10.07
C ALA A 242 9.17 22.05 -9.02
N CYS A 243 8.56 20.98 -9.50
CA CYS A 243 7.92 20.00 -8.64
C CYS A 243 8.42 18.61 -9.00
N TYR A 244 8.27 17.67 -8.07
CA TYR A 244 8.62 16.29 -8.35
C TYR A 244 7.82 15.37 -7.45
N MET A 245 7.94 14.07 -7.73
CA MET A 245 7.17 13.03 -7.04
C MET A 245 8.02 12.49 -5.92
N GLU A 246 7.55 12.65 -4.68
CA GLU A 246 8.30 12.24 -3.51
C GLU A 246 7.59 11.07 -2.84
N GLU A 247 8.38 10.26 -2.14
CA GLU A 247 7.85 9.15 -1.36
C GLU A 247 7.22 9.68 -0.07
N MET A 248 6.01 9.18 0.25
CA MET A 248 5.26 9.62 1.42
C MET A 248 6.00 9.38 2.74
N ARG A 249 6.85 8.35 2.80
CA ARG A 249 7.66 8.21 4.01
C ARG A 249 8.60 9.39 4.21
N HIS A 250 8.88 10.14 3.16
CA HIS A 250 9.79 11.27 3.24
C HIS A 250 9.08 12.59 3.51
N ILE A 251 7.75 12.64 3.43
CA ILE A 251 6.98 13.86 3.62
C ILE A 251 6.38 13.82 5.04
N ASP A 252 7.03 14.49 6.00
CA ASP A 252 6.54 14.47 7.38
C ASP A 252 5.28 15.30 7.54
N MET A 253 5.11 16.33 6.73
CA MET A 253 3.99 17.25 6.89
C MET A 253 2.66 16.64 6.49
N VAL A 254 2.65 15.40 5.99
CA VAL A 254 1.41 14.73 5.59
C VAL A 254 1.45 13.29 6.08
N GLU A 255 0.41 12.89 6.81
CA GLU A 255 0.37 11.53 7.36
C GLU A 255 0.18 10.52 6.24
N GLY A 256 1.06 9.51 6.21
CA GLY A 256 1.12 8.56 5.12
C GLY A 256 2.46 7.87 5.10
N ASP A 257 2.57 6.82 4.29
CA ASP A 257 3.77 5.99 4.44
C ASP A 257 4.63 5.32 3.37
N GLU A 258 4.19 4.50 2.42
CA GLU A 258 2.88 4.33 1.76
C GLU A 258 2.35 5.50 0.93
N GLY A 259 2.85 5.45 -0.30
CA GLY A 259 2.47 6.30 -1.42
C GLY A 259 3.58 7.23 -1.90
N ARG A 260 3.24 7.96 -2.95
CA ARG A 260 4.02 9.07 -3.47
C ARG A 260 3.13 10.29 -3.45
N MET A 261 3.74 11.45 -3.23
CA MET A 261 3.03 12.71 -3.44
C MET A 261 3.94 13.66 -4.19
N CYS A 262 3.33 14.45 -5.07
CA CYS A 262 4.08 15.47 -5.77
C CYS A 262 4.35 16.61 -4.78
N ILE A 263 5.60 17.05 -4.71
CA ILE A 263 6.01 18.16 -3.85
C ILE A 263 6.30 19.39 -4.71
N ASN A 264 5.67 20.50 -4.35
CA ASN A 264 5.96 21.78 -5.00
C ASN A 264 7.11 22.44 -4.26
N MET A 265 8.29 22.44 -4.87
CA MET A 265 9.47 22.83 -4.14
C MET A 265 9.48 24.33 -3.81
N GLU A 266 8.90 25.16 -4.68
CA GLU A 266 9.09 26.61 -4.60
C GLU A 266 10.58 26.95 -4.47
N TRP A 267 11.41 26.48 -5.41
CA TRP A 267 12.83 26.76 -5.23
C TRP A 267 13.19 28.20 -5.53
N GLY A 268 12.25 29.01 -6.03
CA GLY A 268 12.55 30.41 -6.25
C GLY A 268 13.21 31.02 -5.03
N ALA A 269 12.89 30.52 -3.84
CA ALA A 269 13.38 31.07 -2.60
C ALA A 269 14.65 30.40 -2.11
N PHE A 270 15.19 29.46 -2.87
CA PHE A 270 16.49 28.93 -2.51
C PHE A 270 17.48 30.08 -2.34
N GLY A 271 18.16 30.12 -1.21
CA GLY A 271 19.15 31.15 -0.98
C GLY A 271 18.69 32.36 -0.17
N ASP A 272 17.39 32.49 0.10
CA ASP A 272 16.92 33.62 0.90
C ASP A 272 17.53 33.68 2.29
N ASP A 273 18.13 32.60 2.77
CA ASP A 273 18.78 32.59 4.08
C ASP A 273 20.29 32.78 3.99
N GLY A 274 20.82 33.06 2.79
CA GLY A 274 22.24 33.33 2.61
C GLY A 274 23.09 32.17 2.16
N SER A 275 22.48 31.07 1.73
CA SER A 275 23.27 29.91 1.34
C SER A 275 23.91 30.05 -0.03
N LEU A 276 23.42 30.96 -0.87
CA LEU A 276 24.03 31.21 -2.18
C LEU A 276 24.95 32.44 -2.21
N ASN A 277 25.19 33.08 -1.06
CA ASN A 277 25.91 34.36 -1.07
C ASN A 277 27.28 34.24 -1.70
N ASP A 278 27.97 33.13 -1.50
CA ASP A 278 29.33 33.06 -2.03
C ASP A 278 29.36 32.92 -3.56
N ILE A 279 28.25 32.57 -4.22
CA ILE A 279 28.19 32.66 -5.67
C ILE A 279 27.38 33.85 -6.16
N ARG A 280 26.71 34.60 -5.28
CA ARG A 280 25.93 35.72 -5.79
C ARG A 280 26.83 36.89 -6.11
N THR A 281 26.23 37.97 -6.62
CA THR A 281 27.07 38.91 -7.34
C THR A 281 26.58 40.32 -7.04
N GLU A 282 27.52 41.26 -7.21
CA GLU A 282 27.23 42.70 -7.15
C GLU A 282 25.98 43.07 -7.93
N PHE A 283 25.82 42.48 -9.12
CA PHE A 283 24.69 42.80 -9.97
C PHE A 283 23.42 42.20 -9.42
N ASP A 284 23.53 40.99 -8.84
CA ASP A 284 22.43 40.32 -8.18
C ASP A 284 21.94 41.08 -6.96
N GLN A 285 22.87 41.57 -6.14
CA GLN A 285 22.49 42.40 -5.00
C GLN A 285 21.66 43.60 -5.43
N GLU A 286 22.06 44.25 -6.52
CA GLU A 286 21.37 45.46 -6.94
C GLU A 286 20.00 45.15 -7.52
N ILE A 287 19.88 44.09 -8.34
CA ILE A 287 18.55 43.67 -8.78
C ILE A 287 17.65 43.40 -7.58
N ASP A 288 18.21 42.74 -6.55
CA ASP A 288 17.41 42.45 -5.36
C ASP A 288 16.95 43.73 -4.67
N MET A 289 17.88 44.64 -4.37
CA MET A 289 17.52 45.89 -3.69
C MET A 289 16.50 46.70 -4.48
N GLY A 290 16.59 46.67 -5.81
CA GLY A 290 15.61 47.41 -6.58
C GLY A 290 14.26 46.74 -6.71
N SER A 291 14.14 45.50 -6.25
CA SER A 291 12.96 44.69 -6.49
C SER A 291 11.78 45.11 -5.63
N LEU A 292 10.59 44.73 -6.08
CA LEU A 292 9.35 44.90 -5.34
C LEU A 292 9.25 43.97 -4.14
N ASN A 293 10.18 43.03 -4.01
CA ASN A 293 10.15 42.04 -2.95
C ASN A 293 11.57 41.81 -2.45
N PRO A 294 12.22 42.85 -1.94
CA PRO A 294 13.65 42.72 -1.63
C PRO A 294 13.86 41.76 -0.49
N GLY A 295 14.86 40.90 -0.65
CA GLY A 295 15.21 39.86 0.31
C GLY A 295 14.67 38.48 -0.02
N LYS A 296 13.62 38.39 -0.84
CA LYS A 296 12.94 37.15 -1.18
C LYS A 296 13.24 36.74 -2.62
N GLN A 297 13.22 35.42 -2.86
CA GLN A 297 13.31 34.83 -4.20
C GLN A 297 14.71 35.00 -4.82
N LEU A 298 15.75 34.91 -3.98
CA LEU A 298 17.08 35.26 -4.48
C LEU A 298 17.58 34.33 -5.58
N PHE A 299 17.20 33.06 -5.55
CA PHE A 299 17.59 32.15 -6.62
C PHE A 299 16.78 32.43 -7.88
N GLU A 300 15.50 32.74 -7.72
CA GLU A 300 14.69 33.04 -8.90
C GLU A 300 15.24 34.23 -9.63
N LYS A 301 15.76 35.22 -8.88
CA LYS A 301 16.18 36.48 -9.48
C LYS A 301 17.44 36.32 -10.29
N MET A 302 18.26 35.31 -9.99
CA MET A 302 19.44 35.04 -10.79
C MET A 302 19.20 34.02 -11.91
N ILE A 303 17.94 33.66 -12.16
CA ILE A 303 17.55 32.57 -13.07
C ILE A 303 16.45 33.01 -14.01
N SER A 304 15.39 33.56 -13.43
CA SER A 304 14.15 33.84 -14.12
C SER A 304 14.33 34.81 -15.28
N GLY A 305 13.33 34.81 -16.17
CA GLY A 305 13.36 35.71 -17.31
C GLY A 305 13.06 37.16 -16.96
N MET A 306 12.34 37.40 -15.87
CA MET A 306 12.02 38.77 -15.51
C MET A 306 13.26 39.60 -15.19
N TYR A 307 14.32 38.98 -14.71
CA TYR A 307 15.52 39.69 -14.28
C TYR A 307 16.71 39.58 -15.22
N MET A 308 16.63 38.83 -16.33
CA MET A 308 17.86 38.58 -17.09
C MET A 308 18.28 39.76 -17.93
N GLY A 309 17.32 40.42 -18.60
CA GLY A 309 17.67 41.64 -19.29
C GLY A 309 18.27 42.66 -18.35
N GLU A 310 17.62 42.85 -17.20
CA GLU A 310 18.09 43.82 -16.22
C GLU A 310 19.44 43.44 -15.68
N LEU A 311 19.80 42.19 -15.78
CA LEU A 311 21.05 41.76 -15.19
C LEU A 311 22.21 42.10 -16.12
N VAL A 312 21.97 42.05 -17.43
CA VAL A 312 23.00 42.39 -18.41
C VAL A 312 23.09 43.90 -18.60
N ARG A 313 21.95 44.60 -18.62
CA ARG A 313 21.98 46.06 -18.55
C ARG A 313 22.93 46.52 -17.45
N LEU A 314 22.64 46.21 -16.21
CA LEU A 314 23.49 46.68 -15.13
C LEU A 314 24.95 46.36 -15.38
N ILE A 315 25.24 45.29 -16.11
CA ILE A 315 26.63 44.92 -16.36
C ILE A 315 27.24 45.85 -17.37
N LEU A 316 26.47 46.21 -18.40
CA LEU A 316 26.91 47.21 -19.36
C LEU A 316 27.27 48.50 -18.65
N VAL A 317 26.32 49.04 -17.87
CA VAL A 317 26.54 50.27 -17.13
C VAL A 317 27.85 50.20 -16.35
N LYS A 318 28.06 49.13 -15.60
CA LYS A 318 29.30 49.04 -14.85
C LYS A 318 30.51 49.10 -15.77
N MET A 319 30.42 48.48 -16.95
CA MET A 319 31.59 48.44 -17.83
C MET A 319 31.79 49.75 -18.57
N ALA A 320 30.71 50.36 -19.06
CA ALA A 320 30.80 51.68 -19.66
C ALA A 320 31.49 52.66 -18.72
N LYS A 321 30.97 52.79 -17.49
CA LYS A 321 31.57 53.67 -16.49
C LYS A 321 33.05 53.40 -16.29
N GLU A 322 33.53 52.18 -16.55
CA GLU A 322 34.93 51.85 -16.32
C GLU A 322 35.78 51.98 -17.58
N GLU A 323 35.23 52.48 -18.68
CA GLU A 323 35.94 52.79 -19.92
C GLU A 323 36.08 51.56 -20.82
N LEU A 324 35.59 50.38 -20.41
CA LEU A 324 35.78 49.15 -21.17
C LEU A 324 34.79 48.99 -22.32
N LEU A 325 33.78 49.85 -22.44
CA LEU A 325 32.84 49.73 -23.54
C LEU A 325 32.32 51.11 -23.90
N PHE A 326 32.07 51.33 -25.19
CA PHE A 326 31.39 52.54 -25.66
C PHE A 326 32.30 53.77 -25.60
N GLY A 327 33.53 53.63 -25.14
CA GLY A 327 34.36 54.77 -24.83
C GLY A 327 33.81 55.60 -23.69
N GLY A 328 33.15 54.96 -22.73
CA GLY A 328 32.61 55.67 -21.58
C GLY A 328 31.40 56.52 -21.85
N LYS A 329 30.83 56.45 -23.04
CA LYS A 329 29.72 57.33 -23.41
C LYS A 329 28.43 56.56 -23.16
N LEU A 330 27.67 56.98 -22.16
CA LEU A 330 26.51 56.25 -21.65
C LEU A 330 25.25 57.03 -22.01
N SER A 331 24.37 56.43 -22.79
CA SER A 331 23.18 57.16 -23.17
C SER A 331 22.26 57.32 -21.98
N PRO A 332 21.23 58.16 -22.11
CA PRO A 332 20.22 58.22 -21.03
C PRO A 332 19.41 56.95 -20.88
N GLU A 333 19.09 56.26 -21.97
CA GLU A 333 18.20 55.11 -21.88
C GLU A 333 18.89 53.90 -21.25
N LEU A 334 20.18 53.73 -21.48
CA LEU A 334 20.90 52.63 -20.84
C LEU A 334 20.81 52.69 -19.32
N LEU A 335 20.51 53.84 -18.74
CA LEU A 335 20.39 53.97 -17.30
C LEU A 335 18.96 53.85 -16.81
N ASN A 336 18.03 53.61 -17.71
CA ASN A 336 16.62 53.50 -17.36
C ASN A 336 16.27 52.02 -17.14
N THR A 337 15.64 51.72 -16.00
CA THR A 337 15.49 50.33 -15.60
C THR A 337 14.57 49.57 -16.56
N GLY A 338 15.03 48.38 -16.97
CA GLY A 338 14.24 47.48 -17.77
C GLY A 338 14.30 47.67 -19.27
N ARG A 339 15.03 48.66 -19.76
CA ARG A 339 15.05 48.91 -21.21
C ARG A 339 15.79 47.80 -21.96
N PHE A 340 16.77 47.17 -21.34
CA PHE A 340 17.44 46.00 -21.92
C PHE A 340 16.70 44.78 -21.39
N GLU A 341 15.99 44.08 -22.25
CA GLU A 341 14.97 43.13 -21.79
C GLU A 341 15.29 41.72 -22.24
N THR A 342 14.74 40.74 -21.50
CA THR A 342 15.11 39.35 -21.74
C THR A 342 14.85 38.95 -23.18
N LYS A 343 13.76 39.44 -23.77
CA LYS A 343 13.49 39.30 -25.19
C LYS A 343 14.73 39.61 -26.03
N ASP A 344 15.49 40.64 -25.64
CA ASP A 344 16.64 41.04 -26.42
C ASP A 344 17.78 40.05 -26.28
N ILE A 345 17.91 39.39 -25.12
CA ILE A 345 19.01 38.44 -24.95
C ILE A 345 18.85 37.30 -25.95
N SER A 346 17.61 36.93 -26.25
CA SER A 346 17.35 35.83 -27.17
C SER A 346 17.70 36.22 -28.59
N ASP A 347 17.27 37.41 -29.01
CA ASP A 347 17.59 37.91 -30.34
C ASP A 347 19.11 37.94 -30.57
N ILE A 348 19.85 38.59 -29.67
CA ILE A 348 21.30 38.66 -29.82
C ILE A 348 21.93 37.28 -30.01
N GLU A 349 21.45 36.28 -29.27
CA GLU A 349 22.10 34.97 -29.33
C GLU A 349 21.51 34.03 -30.37
N GLY A 350 20.34 34.33 -30.92
CA GLY A 350 19.67 33.35 -31.76
C GLY A 350 20.32 33.14 -33.13
N GLU A 351 20.48 34.22 -33.90
CA GLU A 351 20.52 34.14 -35.36
C GLU A 351 21.94 33.99 -35.91
N LYS A 352 22.03 33.84 -37.24
CA LYS A 352 23.28 33.71 -37.97
C LYS A 352 24.26 34.80 -37.57
N ASP A 353 23.95 36.04 -37.96
CA ASP A 353 24.64 37.22 -37.44
C ASP A 353 23.69 37.85 -36.43
N GLY A 354 23.96 37.60 -35.15
CA GLY A 354 23.21 38.20 -34.06
C GLY A 354 24.07 39.28 -33.47
N ILE A 355 25.32 39.32 -33.93
CA ILE A 355 26.19 40.43 -33.60
C ILE A 355 25.69 41.71 -34.24
N ARG A 356 24.90 41.63 -35.32
CA ARG A 356 24.25 42.83 -35.81
C ARG A 356 23.06 43.20 -34.94
N LYS A 357 22.24 42.20 -34.57
CA LYS A 357 21.06 42.51 -33.78
C LYS A 357 21.42 42.99 -32.38
N ALA A 358 22.62 42.68 -31.91
CA ALA A 358 23.18 43.44 -30.80
C ALA A 358 23.26 44.91 -31.16
N ARG A 359 23.97 45.22 -32.26
CA ARG A 359 24.05 46.58 -32.76
C ARG A 359 22.66 47.20 -32.91
N GLU A 360 21.70 46.42 -33.40
CA GLU A 360 20.37 46.98 -33.56
C GLU A 360 19.79 47.41 -32.23
N VAL A 361 20.02 46.61 -31.17
CA VAL A 361 19.46 46.88 -29.84
C VAL A 361 20.26 47.96 -29.12
N LEU A 362 21.58 47.83 -29.11
CA LEU A 362 22.43 48.84 -28.47
C LEU A 362 22.11 50.26 -28.95
N MET A 363 21.73 50.41 -30.23
CA MET A 363 21.33 51.72 -30.75
C MET A 363 19.88 52.06 -30.38
N ARG A 364 19.01 51.07 -30.26
CA ARG A 364 17.69 51.37 -29.74
C ARG A 364 17.77 52.03 -28.37
N LEU A 365 18.88 51.79 -27.66
CA LEU A 365 19.20 52.42 -26.39
C LEU A 365 20.11 53.63 -26.58
N GLY A 366 20.39 54.02 -27.83
CA GLY A 366 21.11 55.22 -28.17
C GLY A 366 22.60 55.26 -27.87
N LEU A 367 23.39 54.35 -28.44
CA LEU A 367 24.82 54.30 -28.17
C LEU A 367 25.60 54.24 -29.47
N ASP A 368 26.93 54.42 -29.37
CA ASP A 368 27.88 54.39 -30.49
C ASP A 368 28.77 53.17 -30.35
N PRO A 369 28.25 51.99 -30.65
CA PRO A 369 29.03 50.75 -30.50
C PRO A 369 30.02 50.51 -31.63
N THR A 370 31.21 50.08 -31.25
CA THR A 370 32.24 49.54 -32.12
C THR A 370 31.67 48.27 -32.71
N GLN A 371 32.45 47.46 -33.44
CA GLN A 371 32.03 46.06 -33.51
C GLN A 371 32.46 45.33 -32.24
N GLU A 372 33.64 45.67 -31.72
CA GLU A 372 34.12 45.08 -30.47
C GLU A 372 33.16 45.38 -29.30
N ASP A 373 32.29 46.39 -29.44
CA ASP A 373 31.21 46.59 -28.48
C ASP A 373 30.07 45.61 -28.74
N CYS A 374 29.65 45.43 -29.99
CA CYS A 374 28.58 44.49 -30.29
C CYS A 374 28.98 43.06 -29.94
N VAL A 375 30.28 42.74 -30.03
CA VAL A 375 30.77 41.43 -29.64
C VAL A 375 30.68 41.25 -28.13
N ALA A 376 31.03 42.28 -27.37
CA ALA A 376 30.96 42.19 -25.90
C ALA A 376 29.52 42.03 -25.43
N THR A 377 28.61 42.87 -25.90
CA THR A 377 27.20 42.69 -25.55
C THR A 377 26.70 41.29 -25.89
N HIS A 378 27.24 40.67 -26.94
CA HIS A 378 26.84 39.31 -27.25
C HIS A 378 27.30 38.36 -26.16
N ARG A 379 28.57 38.43 -25.77
CA ARG A 379 29.04 37.45 -24.82
C ARG A 379 28.56 37.74 -23.41
N ILE A 380 28.34 39.00 -23.06
CA ILE A 380 27.64 39.30 -21.82
C ILE A 380 26.28 38.61 -21.81
N CYS A 381 25.60 38.59 -22.96
CA CYS A 381 24.33 37.87 -23.04
C CYS A 381 24.52 36.36 -22.83
N GLN A 382 25.55 35.76 -23.44
CA GLN A 382 25.77 34.34 -23.24
C GLN A 382 26.06 34.02 -21.78
N ILE A 383 26.88 34.85 -21.13
CA ILE A 383 27.29 34.52 -19.78
C ILE A 383 26.10 34.55 -18.83
N VAL A 384 25.19 35.51 -19.00
CA VAL A 384 23.99 35.57 -18.16
C VAL A 384 23.10 34.36 -18.42
N SER A 385 22.70 34.13 -19.67
CA SER A 385 21.79 33.04 -19.94
C SER A 385 22.44 31.67 -19.70
N THR A 386 23.76 31.55 -19.86
CA THR A 386 24.41 30.29 -19.52
C THR A 386 24.44 30.06 -18.01
N ARG A 387 24.73 31.11 -17.23
CA ARG A 387 24.69 30.93 -15.78
C ARG A 387 23.29 30.56 -15.31
N SER A 388 22.27 31.17 -15.89
CA SER A 388 20.91 30.76 -15.59
C SER A 388 20.71 29.26 -15.87
N ALA A 389 21.12 28.80 -17.05
CA ALA A 389 20.88 27.41 -17.39
C ALA A 389 21.66 26.47 -16.48
N SER A 390 22.94 26.78 -16.24
CA SER A 390 23.73 25.93 -15.37
C SER A 390 23.18 25.91 -13.95
N LEU A 391 22.43 26.93 -13.54
CA LEU A 391 21.90 26.94 -12.18
C LEU A 391 20.66 26.04 -12.06
N CYS A 392 19.75 26.05 -13.06
CA CYS A 392 18.69 25.04 -13.06
C CYS A 392 19.25 23.64 -13.19
N ALA A 393 20.42 23.47 -13.78
CA ALA A 393 20.97 22.14 -13.89
C ALA A 393 21.52 21.66 -12.55
N ALA A 394 22.00 22.58 -11.71
CA ALA A 394 22.48 22.16 -10.40
C ALA A 394 21.32 21.69 -9.52
N THR A 395 20.22 22.46 -9.51
CA THR A 395 19.12 22.08 -8.62
C THR A 395 18.30 20.93 -9.19
N LEU A 396 18.25 20.75 -10.53
CA LEU A 396 17.69 19.51 -11.06
C LEU A 396 18.59 18.32 -10.76
N ALA A 397 19.90 18.49 -10.90
CA ALA A 397 20.79 17.39 -10.56
C ALA A 397 20.47 16.84 -9.17
N ALA A 398 20.04 17.70 -8.25
CA ALA A 398 19.73 17.25 -6.91
C ALA A 398 18.40 16.51 -6.89
N VAL A 399 17.41 17.01 -7.64
CA VAL A 399 16.11 16.32 -7.66
C VAL A 399 16.24 14.95 -8.33
N LEU A 400 16.98 14.86 -9.42
CA LEU A 400 17.14 13.57 -10.09
C LEU A 400 17.94 12.60 -9.23
N GLN A 401 18.80 13.10 -8.36
CA GLN A 401 19.58 12.21 -7.52
C GLN A 401 18.73 11.67 -6.37
N ARG A 402 17.75 12.45 -5.94
CA ARG A 402 16.73 12.01 -4.99
C ARG A 402 15.87 10.90 -5.59
N ILE A 403 15.32 11.15 -6.79
CA ILE A 403 14.46 10.16 -7.41
C ILE A 403 15.23 8.87 -7.67
N LYS A 404 16.47 8.97 -8.15
CA LYS A 404 17.30 7.76 -8.30
C LYS A 404 17.37 7.00 -6.99
N GLU A 405 17.65 7.70 -5.88
CA GLU A 405 17.73 7.03 -4.59
C GLU A 405 16.39 6.39 -4.22
N ASN A 406 15.29 7.17 -4.25
CA ASN A 406 13.97 6.63 -3.93
C ASN A 406 13.68 5.34 -4.68
N LYS A 407 14.18 5.24 -5.90
CA LYS A 407 13.73 4.23 -6.84
C LYS A 407 14.49 2.90 -6.70
N GLY A 408 15.81 2.96 -6.59
CA GLY A 408 16.62 1.78 -6.46
C GLY A 408 17.23 1.29 -7.76
N GLU A 409 17.12 2.07 -8.83
CA GLU A 409 17.57 1.66 -10.15
C GLU A 409 18.98 2.17 -10.39
N GLU A 410 19.81 1.32 -11.02
CA GLU A 410 21.22 1.64 -11.23
C GLU A 410 21.42 2.79 -12.22
N ARG A 411 20.45 3.00 -13.12
CA ARG A 411 20.41 4.17 -13.99
C ARG A 411 18.99 4.69 -13.95
N LEU A 412 18.82 5.95 -13.54
CA LEU A 412 17.47 6.53 -13.53
C LEU A 412 17.02 6.75 -14.97
N ARG A 413 15.78 6.36 -15.26
CA ARG A 413 15.10 6.72 -16.49
C ARG A 413 13.90 7.59 -16.13
N SER A 414 14.01 8.89 -16.40
CA SER A 414 13.04 9.85 -15.90
C SER A 414 12.81 10.94 -16.95
N THR A 415 11.60 11.49 -16.95
CA THR A 415 11.15 12.45 -17.95
C THR A 415 10.74 13.75 -17.28
N ILE A 416 11.38 14.86 -17.68
CA ILE A 416 11.10 16.17 -17.12
C ILE A 416 10.15 16.90 -18.06
N GLY A 417 8.95 17.23 -17.59
CA GLY A 417 8.08 18.16 -18.29
C GLY A 417 8.50 19.60 -18.03
N VAL A 418 8.72 20.38 -19.11
CA VAL A 418 9.29 21.71 -19.02
C VAL A 418 8.40 22.75 -19.70
N ASP A 419 8.46 23.99 -19.21
CA ASP A 419 7.64 25.07 -19.74
C ASP A 419 8.29 26.41 -19.41
N GLY A 420 7.70 27.48 -19.93
CA GLY A 420 8.15 28.83 -19.57
C GLY A 420 8.94 29.54 -20.68
N SER A 421 8.87 30.87 -20.65
CA SER A 421 9.44 31.75 -21.70
C SER A 421 10.89 31.43 -22.00
N VAL A 422 11.74 31.46 -20.99
CA VAL A 422 13.17 31.30 -21.25
C VAL A 422 13.47 29.93 -21.87
N TYR A 423 12.82 28.86 -21.40
CA TYR A 423 13.14 27.52 -21.92
C TYR A 423 12.76 27.41 -23.40
N LYS A 424 11.52 27.76 -23.73
CA LYS A 424 11.03 27.57 -25.10
C LYS A 424 11.64 28.58 -26.09
N LYS A 425 11.59 29.88 -25.78
CA LYS A 425 11.93 30.87 -26.79
C LYS A 425 13.43 31.16 -26.91
N HIS A 426 14.18 31.10 -25.84
CA HIS A 426 15.61 31.38 -25.94
C HIS A 426 16.26 30.34 -26.85
N PRO A 427 17.16 30.74 -27.76
CA PRO A 427 17.66 29.75 -28.71
C PRO A 427 18.53 28.64 -28.09
N HIS A 428 19.40 28.96 -27.14
CA HIS A 428 20.36 28.00 -26.61
C HIS A 428 20.13 27.51 -25.18
N PHE A 429 19.05 27.92 -24.50
CA PHE A 429 18.97 27.65 -23.07
C PHE A 429 18.74 26.15 -22.82
N ALA A 430 17.81 25.56 -23.57
CA ALA A 430 17.54 24.14 -23.46
C ALA A 430 18.79 23.31 -23.73
N LYS A 431 19.54 23.61 -24.81
CA LYS A 431 20.72 22.79 -25.10
C LYS A 431 21.69 22.79 -23.93
N ARG A 432 21.85 23.93 -23.25
CA ARG A 432 22.81 24.01 -22.17
C ARG A 432 22.28 23.37 -20.90
N LEU A 433 20.98 23.54 -20.61
CA LEU A 433 20.39 22.85 -19.48
C LEU A 433 20.55 21.34 -19.63
N HIS A 434 20.03 20.78 -20.73
CA HIS A 434 20.19 19.35 -20.99
C HIS A 434 21.67 18.96 -20.90
N LYS A 435 22.53 19.60 -21.66
CA LYS A 435 23.91 19.13 -21.68
C LYS A 435 24.51 19.15 -20.28
N THR A 436 24.13 20.12 -19.45
CA THR A 436 24.79 20.31 -18.16
C THR A 436 24.25 19.34 -17.10
N VAL A 437 22.94 19.08 -17.12
CA VAL A 437 22.39 18.00 -16.28
C VAL A 437 23.13 16.70 -16.53
N ARG A 438 23.06 16.20 -17.77
CA ARG A 438 23.66 14.91 -18.11
C ARG A 438 25.12 14.82 -17.71
N ARG A 439 25.81 15.94 -17.52
CA ARG A 439 27.18 15.87 -17.03
C ARG A 439 27.21 15.73 -15.50
N LEU A 440 26.27 16.38 -14.80
CA LEU A 440 26.27 16.33 -13.35
C LEU A 440 25.68 15.02 -12.79
N VAL A 441 24.85 14.34 -13.56
CA VAL A 441 24.37 13.01 -13.24
C VAL A 441 24.75 12.07 -14.39
N PRO A 442 25.98 11.54 -14.42
CA PRO A 442 26.34 10.64 -15.54
C PRO A 442 25.54 9.35 -15.56
N GLY A 443 25.11 8.86 -14.40
CA GLY A 443 24.27 7.69 -14.34
C GLY A 443 22.81 8.01 -14.64
N CYS A 444 22.59 9.13 -15.33
CA CYS A 444 21.26 9.47 -15.82
C CYS A 444 20.98 8.75 -17.13
N ASP A 445 19.69 8.59 -17.42
CA ASP A 445 19.14 8.70 -18.76
C ASP A 445 17.89 9.53 -18.63
N VAL A 446 17.93 10.76 -19.14
CA VAL A 446 16.89 11.75 -18.91
C VAL A 446 16.35 12.16 -20.26
N ARG A 447 15.08 12.53 -20.31
CA ARG A 447 14.61 13.15 -21.54
C ARG A 447 13.62 14.23 -21.17
N PHE A 448 13.68 15.36 -21.90
CA PHE A 448 12.84 16.49 -21.55
C PHE A 448 11.70 16.59 -22.56
N LEU A 449 10.57 17.07 -22.08
CA LEU A 449 9.39 17.34 -22.90
C LEU A 449 8.85 18.72 -22.57
N ARG A 450 7.93 19.16 -23.41
CA ARG A 450 7.45 20.53 -23.48
C ARG A 450 5.94 20.49 -23.54
N SER A 451 5.25 21.33 -22.79
CA SER A 451 3.79 21.28 -22.77
C SER A 451 3.21 22.60 -23.23
N GLU A 452 2.45 22.57 -24.33
CA GLU A 452 1.79 23.76 -24.82
C GLU A 452 0.80 24.31 -23.79
N ASP A 453 0.15 23.43 -23.03
CA ASP A 453 -0.93 23.86 -22.15
C ASP A 453 -0.42 24.62 -20.94
N GLY A 454 0.51 24.01 -20.19
CA GLY A 454 1.02 24.56 -18.95
C GLY A 454 0.03 24.61 -17.81
N SER A 455 -0.20 25.82 -17.31
CA SER A 455 -1.20 26.05 -16.26
C SER A 455 -2.63 25.92 -16.78
N GLY A 456 -2.85 25.96 -18.09
CA GLY A 456 -4.18 25.77 -18.63
C GLY A 456 -4.75 24.36 -18.66
N LYS A 457 -4.12 23.48 -19.45
CA LYS A 457 -4.62 22.10 -19.55
C LYS A 457 -4.08 21.24 -18.42
N GLY A 458 -2.87 21.55 -17.92
CA GLY A 458 -2.35 20.85 -16.76
C GLY A 458 -3.27 20.90 -15.56
N ALA A 459 -4.05 21.97 -15.43
CA ALA A 459 -5.05 21.99 -14.37
C ALA A 459 -6.24 21.10 -14.70
N ALA A 460 -6.51 20.90 -16.00
CA ALA A 460 -7.55 19.94 -16.38
C ALA A 460 -7.06 18.51 -16.16
N MET A 461 -5.81 18.24 -16.54
CA MET A 461 -5.29 16.88 -16.47
C MET A 461 -5.20 16.40 -15.02
N VAL A 462 -4.88 17.31 -14.08
CA VAL A 462 -4.95 16.94 -12.67
C VAL A 462 -6.38 16.66 -12.25
N THR A 463 -7.36 17.31 -12.85
CA THR A 463 -8.73 16.98 -12.50
C THR A 463 -9.14 15.65 -13.13
N ALA A 464 -8.48 15.25 -14.22
CA ALA A 464 -8.80 13.98 -14.83
C ALA A 464 -8.27 12.82 -14.00
N VAL A 465 -7.08 12.98 -13.44
CA VAL A 465 -6.50 11.95 -12.60
C VAL A 465 -7.19 11.93 -11.23
N ALA A 466 -7.49 13.10 -10.67
CA ALA A 466 -8.21 13.11 -9.41
C ALA A 466 -9.59 12.48 -9.57
N TYR A 467 -10.25 12.76 -10.69
CA TYR A 467 -11.56 12.17 -10.91
C TYR A 467 -11.45 10.66 -11.13
N ARG A 468 -10.50 10.24 -11.95
CA ARG A 468 -10.28 8.80 -12.16
C ARG A 468 -10.10 8.08 -10.82
N LEU A 469 -9.14 8.55 -10.01
CA LEU A 469 -8.90 7.92 -8.72
C LEU A 469 -10.18 7.84 -7.90
N ALA A 470 -10.85 8.97 -7.70
CA ALA A 470 -12.05 8.97 -6.87
C ALA A 470 -13.09 8.02 -7.42
N ASP A 471 -13.18 7.89 -8.75
CA ASP A 471 -14.21 7.06 -9.36
C ASP A 471 -13.88 5.57 -9.17
N GLN A 472 -12.61 5.21 -9.34
CA GLN A 472 -12.18 3.83 -9.14
C GLN A 472 -12.21 3.43 -7.67
N HIS A 473 -12.04 4.41 -6.79
CA HIS A 473 -12.08 4.16 -5.35
C HIS A 473 -13.47 3.76 -4.90
N ARG A 474 -14.49 4.55 -5.24
CA ARG A 474 -15.82 4.16 -4.81
C ARG A 474 -16.22 2.83 -5.44
N ALA A 475 -15.68 2.53 -6.64
CA ALA A 475 -15.95 1.24 -7.25
C ALA A 475 -15.41 0.11 -6.39
N ARG A 476 -14.13 0.21 -6.01
CA ARG A 476 -13.53 -0.81 -5.18
C ARG A 476 -14.19 -0.84 -3.81
N GLN A 477 -14.62 0.32 -3.32
CA GLN A 477 -15.19 0.38 -1.98
C GLN A 477 -16.59 -0.21 -1.95
N LYS A 478 -17.38 -0.04 -3.02
CA LYS A 478 -18.68 -0.69 -3.06
C LYS A 478 -18.54 -2.21 -2.97
N THR A 479 -17.49 -2.75 -3.60
CA THR A 479 -17.22 -4.19 -3.48
C THR A 479 -16.83 -4.54 -2.05
N LEU A 480 -15.76 -3.93 -1.55
CA LEU A 480 -15.20 -4.31 -0.26
C LEU A 480 -16.21 -4.19 0.89
N GLU A 481 -17.27 -3.41 0.71
CA GLU A 481 -18.20 -3.13 1.80
C GLU A 481 -18.99 -4.39 2.18
N HIS A 482 -19.22 -5.28 1.22
CA HIS A 482 -19.94 -6.51 1.48
C HIS A 482 -19.16 -7.46 2.38
N LEU A 483 -17.85 -7.29 2.48
CA LEU A 483 -17.01 -8.03 3.41
C LEU A 483 -16.79 -7.28 4.71
N GLN A 484 -17.53 -6.21 4.94
CA GLN A 484 -17.39 -5.44 6.17
C GLN A 484 -18.67 -5.57 7.00
N LEU A 485 -18.54 -6.25 8.15
CA LEU A 485 -19.69 -6.63 8.96
C LEU A 485 -19.81 -5.73 10.19
N SER A 486 -21.02 -5.25 10.45
CA SER A 486 -21.27 -4.38 11.58
C SER A 486 -21.29 -5.17 12.87
N HIS A 487 -21.15 -4.44 13.98
CA HIS A 487 -21.38 -5.02 15.31
C HIS A 487 -22.68 -5.81 15.34
N ASP A 488 -23.79 -5.18 14.94
CA ASP A 488 -25.06 -5.89 14.92
C ASP A 488 -24.96 -7.17 14.11
N GLN A 489 -24.38 -7.08 12.92
CA GLN A 489 -24.25 -8.28 12.09
C GLN A 489 -23.48 -9.39 12.80
N LEU A 490 -22.41 -9.03 13.51
CA LEU A 490 -21.62 -10.06 14.17
C LEU A 490 -22.36 -10.65 15.37
N LEU A 491 -23.28 -9.90 16.00
CA LEU A 491 -24.14 -10.52 17.01
C LEU A 491 -25.08 -11.54 16.39
N GLU A 492 -25.69 -11.20 15.25
CA GLU A 492 -26.57 -12.15 14.59
C GLU A 492 -25.80 -13.43 14.24
N VAL A 493 -24.56 -13.29 13.76
CA VAL A 493 -23.71 -14.46 13.53
C VAL A 493 -23.54 -15.25 14.82
N LYS A 494 -23.24 -14.56 15.92
CA LYS A 494 -23.16 -15.21 17.23
C LYS A 494 -24.45 -15.93 17.58
N ARG A 495 -25.58 -15.25 17.37
CA ARG A 495 -26.89 -15.83 17.69
C ARG A 495 -27.14 -17.07 16.85
N ARG A 496 -26.82 -17.01 15.56
CA ARG A 496 -27.07 -18.14 14.68
C ARG A 496 -26.15 -19.31 14.99
N MET A 497 -24.97 -19.04 15.55
CA MET A 497 -24.09 -20.14 15.94
C MET A 497 -24.66 -20.88 17.15
N LYS A 498 -25.33 -20.14 18.03
CA LYS A 498 -25.96 -20.73 19.21
C LYS A 498 -27.02 -21.74 18.82
N VAL A 499 -27.93 -21.37 17.91
CA VAL A 499 -29.00 -22.31 17.60
C VAL A 499 -28.45 -23.48 16.82
N GLU A 500 -27.42 -23.26 16.02
CA GLU A 500 -26.82 -24.41 15.35
C GLU A 500 -26.16 -25.34 16.36
N MET A 501 -25.64 -24.79 17.47
CA MET A 501 -25.01 -25.62 18.49
C MET A 501 -26.05 -26.48 19.20
N GLU A 502 -27.18 -25.88 19.56
CA GLU A 502 -28.29 -26.63 20.11
C GLU A 502 -28.76 -27.70 19.13
N ARG A 503 -29.03 -27.31 17.89
CA ARG A 503 -29.54 -28.26 16.91
C ARG A 503 -28.70 -29.54 16.88
N GLY A 504 -27.39 -29.42 16.99
CA GLY A 504 -26.56 -30.60 16.90
C GLY A 504 -26.50 -31.40 18.19
N LEU A 505 -26.58 -30.71 19.32
CA LEU A 505 -26.60 -31.40 20.59
C LEU A 505 -27.91 -32.16 20.81
N SER A 506 -28.98 -31.72 20.15
CA SER A 506 -30.29 -32.33 20.26
C SER A 506 -30.33 -33.65 19.50
N LYS A 507 -30.59 -34.75 20.21
CA LYS A 507 -30.65 -36.03 19.51
C LYS A 507 -31.79 -36.04 18.51
N GLU A 508 -32.84 -35.27 18.77
CA GLU A 508 -33.88 -35.10 17.76
C GLU A 508 -33.31 -34.62 16.44
N THR A 509 -32.64 -33.45 16.45
CA THR A 509 -32.23 -32.77 15.22
C THR A 509 -30.78 -33.03 14.80
N HIS A 510 -30.03 -33.82 15.57
CA HIS A 510 -28.62 -34.08 15.27
C HIS A 510 -28.36 -34.64 13.87
N ALA A 511 -29.34 -35.20 13.18
CA ALA A 511 -29.05 -35.76 11.86
C ALA A 511 -29.04 -34.69 10.77
N SER A 512 -29.94 -33.70 10.86
CA SER A 512 -29.97 -32.65 9.87
C SER A 512 -29.02 -31.52 10.20
N ALA A 513 -28.53 -31.46 11.44
CA ALA A 513 -27.80 -30.29 11.91
C ALA A 513 -26.42 -30.23 11.28
N PRO A 514 -26.03 -29.09 10.68
CA PRO A 514 -24.70 -28.97 10.05
C PRO A 514 -23.54 -28.95 11.03
N VAL A 515 -23.72 -28.30 12.19
CA VAL A 515 -22.72 -28.31 13.23
C VAL A 515 -23.03 -29.50 14.12
N LYS A 516 -22.19 -30.55 14.07
CA LYS A 516 -22.57 -31.85 14.61
C LYS A 516 -22.37 -31.98 16.11
N MET A 517 -21.47 -31.21 16.73
CA MET A 517 -21.37 -31.20 18.19
C MET A 517 -21.01 -32.58 18.75
N LEU A 518 -20.09 -33.25 18.07
CA LEU A 518 -19.84 -34.66 18.28
C LEU A 518 -19.26 -34.94 19.66
N PRO A 519 -19.70 -36.01 20.34
CA PRO A 519 -19.09 -36.36 21.63
C PRO A 519 -17.69 -36.91 21.42
N THR A 520 -16.76 -36.45 22.24
CA THR A 520 -15.38 -36.88 22.16
C THR A 520 -15.03 -37.99 23.13
N TYR A 521 -15.89 -38.30 24.09
CA TYR A 521 -15.61 -39.21 25.21
C TYR A 521 -14.35 -38.80 25.97
N VAL A 522 -14.03 -37.50 25.97
CA VAL A 522 -12.98 -36.95 26.82
C VAL A 522 -13.69 -36.24 27.97
N CYS A 523 -13.69 -36.86 29.15
CA CYS A 523 -14.37 -36.30 30.31
C CYS A 523 -13.48 -35.86 31.46
N ALA A 524 -12.20 -36.22 31.47
CA ALA A 524 -11.44 -36.18 32.71
C ALA A 524 -10.17 -35.36 32.55
N THR A 525 -10.03 -34.34 33.38
CA THR A 525 -8.82 -33.56 33.45
C THR A 525 -7.67 -34.40 34.02
N PRO A 526 -6.43 -33.99 33.80
CA PRO A 526 -5.30 -34.64 34.50
C PRO A 526 -5.37 -34.39 36.00
N ASP A 527 -5.00 -35.42 36.75
CA ASP A 527 -5.21 -35.46 38.20
C ASP A 527 -3.95 -35.89 38.92
N GLY A 528 -3.26 -34.95 39.55
CA GLY A 528 -2.23 -35.35 40.49
C GLY A 528 -1.21 -36.30 39.87
N THR A 529 -1.16 -37.52 40.40
CA THR A 529 -0.23 -38.54 39.90
C THR A 529 -0.77 -39.20 38.63
N GLU A 530 -0.04 -39.01 37.52
CA GLU A 530 -0.09 -39.86 36.34
C GLU A 530 1.35 -40.17 35.94
N LYS A 531 1.64 -41.44 35.68
CA LYS A 531 3.02 -41.89 35.49
C LYS A 531 3.16 -42.63 34.17
N GLY A 532 4.40 -42.71 33.70
CA GLY A 532 4.78 -43.60 32.61
C GLY A 532 5.08 -42.87 31.31
N ASP A 533 5.47 -43.67 30.32
CA ASP A 533 5.76 -43.17 28.98
C ASP A 533 4.56 -43.38 28.09
N PHE A 534 4.33 -42.41 27.19
CA PHE A 534 3.16 -42.42 26.33
C PHE A 534 3.54 -42.00 24.93
N LEU A 535 3.15 -42.78 23.94
CA LEU A 535 3.32 -42.40 22.56
C LEU A 535 2.10 -41.62 22.11
N ALA A 536 2.33 -40.62 21.27
CA ALA A 536 1.21 -39.95 20.65
C ALA A 536 1.54 -39.75 19.18
N LEU A 537 0.49 -39.56 18.38
CA LEU A 537 0.62 -39.28 16.96
C LEU A 537 -0.14 -38.01 16.65
N ASP A 538 0.37 -37.27 15.68
CA ASP A 538 -0.26 -36.05 15.21
C ASP A 538 -0.35 -36.17 13.70
N LEU A 539 -1.56 -36.35 13.18
CA LEU A 539 -1.75 -36.64 11.77
C LEU A 539 -2.87 -35.78 11.24
N GLY A 540 -2.64 -35.20 10.07
CA GLY A 540 -3.60 -34.31 9.45
C GLY A 540 -3.22 -32.86 9.49
N GLY A 541 -2.12 -32.52 10.16
CA GLY A 541 -1.60 -31.17 10.11
C GLY A 541 -0.71 -31.00 8.90
N THR A 542 0.05 -29.90 8.90
CA THR A 542 1.09 -29.81 7.89
C THR A 542 2.21 -30.80 8.21
N ASN A 543 2.42 -31.08 9.49
CA ASN A 543 3.52 -31.92 9.95
C ASN A 543 2.99 -33.15 10.67
N PHE A 544 3.21 -34.32 10.08
CA PHE A 544 2.99 -35.56 10.81
C PHE A 544 4.18 -35.84 11.71
N ARG A 545 3.91 -36.11 13.00
CA ARG A 545 5.00 -36.35 13.92
C ARG A 545 4.61 -37.42 14.94
N VAL A 546 5.62 -38.08 15.49
CA VAL A 546 5.49 -39.08 16.54
C VAL A 546 6.07 -38.48 17.81
N LEU A 547 5.43 -38.72 18.94
CA LEU A 547 5.80 -38.10 20.20
C LEU A 547 5.97 -39.19 21.26
N LEU A 548 6.92 -38.98 22.17
CA LEU A 548 6.97 -39.68 23.44
C LEU A 548 6.94 -38.63 24.55
N VAL A 549 5.85 -38.57 25.29
CA VAL A 549 5.75 -37.68 26.43
C VAL A 549 5.95 -38.51 27.69
N ARG A 550 6.92 -38.14 28.49
CA ARG A 550 7.39 -38.93 29.62
C ARG A 550 7.01 -38.15 30.87
N VAL A 551 6.01 -38.64 31.59
CA VAL A 551 5.29 -37.83 32.57
C VAL A 551 5.59 -38.34 33.98
N ARG A 552 6.19 -37.47 34.79
CA ARG A 552 6.50 -37.70 36.19
C ARG A 552 5.68 -36.76 37.08
N ASN A 553 5.48 -37.18 38.33
CA ASN A 553 4.62 -36.48 39.27
C ASN A 553 5.43 -36.04 40.50
N GLY A 554 5.62 -34.73 40.65
CA GLY A 554 6.39 -34.19 41.76
C GLY A 554 7.85 -33.91 41.41
N GLY A 558 5.54 -33.09 35.76
CA GLY A 558 6.81 -33.00 35.06
C GLY A 558 6.86 -33.78 33.76
N VAL A 559 6.40 -33.15 32.68
CA VAL A 559 6.20 -33.82 31.40
C VAL A 559 7.46 -33.66 30.56
N GLU A 560 8.17 -34.77 30.36
CA GLU A 560 9.36 -34.82 29.51
C GLU A 560 8.93 -35.11 28.08
N MET A 561 9.39 -34.29 27.14
CA MET A 561 8.78 -34.21 25.82
C MET A 561 9.80 -34.51 24.73
N HIS A 562 9.43 -35.36 23.76
CA HIS A 562 10.29 -35.69 22.63
C HIS A 562 9.44 -35.93 21.39
N ASN A 563 9.90 -35.46 20.23
CA ASN A 563 9.18 -35.75 19.00
C ASN A 563 10.13 -35.84 17.81
N LYS A 564 9.57 -36.21 16.66
CA LYS A 564 10.27 -36.12 15.38
C LYS A 564 9.22 -35.99 14.26
N ILE A 565 9.54 -35.20 13.26
CA ILE A 565 8.63 -34.96 12.15
C ILE A 565 8.99 -35.90 11.00
N TYR A 566 8.00 -36.49 10.35
CA TYR A 566 8.28 -37.25 9.15
C TYR A 566 7.39 -36.77 8.01
N ALA A 567 7.91 -36.91 6.80
CA ALA A 567 7.13 -36.58 5.62
C ALA A 567 6.21 -37.73 5.26
N ILE A 568 5.11 -37.40 4.60
CA ILE A 568 4.31 -38.44 3.97
C ILE A 568 4.33 -38.12 2.48
N PRO A 569 5.05 -38.89 1.68
CA PRO A 569 5.10 -38.62 0.24
C PRO A 569 3.71 -38.54 -0.36
N GLN A 570 3.51 -37.57 -1.24
CA GLN A 570 2.22 -37.44 -1.93
C GLN A 570 1.74 -38.79 -2.45
N GLU A 571 2.65 -39.60 -2.98
CA GLU A 571 2.28 -40.93 -3.46
C GLU A 571 1.61 -41.76 -2.38
N VAL A 572 2.03 -41.61 -1.12
CA VAL A 572 1.46 -42.41 -0.05
C VAL A 572 0.13 -41.83 0.44
N MET A 573 0.05 -40.49 0.58
CA MET A 573 -1.20 -39.84 0.92
C MET A 573 -2.29 -40.18 -0.08
N HIS A 574 -1.90 -40.40 -1.33
CA HIS A 574 -2.81 -40.73 -2.42
C HIS A 574 -2.82 -42.21 -2.80
N GLY A 575 -2.15 -43.07 -2.01
CA GLY A 575 -2.11 -44.49 -2.27
C GLY A 575 -3.25 -45.26 -1.66
N THR A 576 -3.02 -46.54 -1.40
CA THR A 576 -3.96 -47.36 -0.63
C THR A 576 -3.77 -47.14 0.87
N GLY A 577 -4.83 -47.43 1.63
CA GLY A 577 -4.78 -47.28 3.07
C GLY A 577 -3.78 -48.20 3.74
N ASP A 578 -3.51 -49.36 3.12
CA ASP A 578 -2.46 -50.23 3.64
C ASP A 578 -1.11 -49.55 3.60
N GLU A 579 -0.80 -48.96 2.43
CA GLU A 579 0.45 -48.23 2.24
C GLU A 579 0.56 -47.06 3.21
N LEU A 580 -0.57 -46.39 3.49
CA LEU A 580 -0.55 -45.23 4.39
C LEU A 580 -0.31 -45.62 5.85
N PHE A 581 -0.99 -46.68 6.36
CA PHE A 581 -0.68 -46.99 7.76
C PHE A 581 0.56 -47.84 7.90
N ASP A 582 0.93 -48.61 6.87
CA ASP A 582 2.27 -49.18 6.85
C ASP A 582 3.31 -48.08 7.03
N HIS A 583 3.13 -46.98 6.30
CA HIS A 583 4.09 -45.87 6.38
C HIS A 583 4.09 -45.23 7.75
N ILE A 584 2.90 -44.93 8.30
CA ILE A 584 2.78 -44.38 9.64
C ILE A 584 3.50 -45.25 10.67
N VAL A 585 3.30 -46.58 10.61
CA VAL A 585 3.92 -47.42 11.64
C VAL A 585 5.40 -47.63 11.36
N GLN A 586 5.83 -47.54 10.10
CA GLN A 586 7.28 -47.49 9.85
C GLN A 586 7.91 -46.26 10.43
N CYS A 587 7.16 -45.17 10.55
CA CYS A 587 7.67 -44.00 11.25
C CYS A 587 7.63 -44.22 12.77
N ILE A 588 6.61 -44.88 13.29
CA ILE A 588 6.61 -45.18 14.72
C ILE A 588 7.85 -46.00 15.07
N ALA A 589 8.27 -46.89 14.17
CA ALA A 589 9.39 -47.78 14.46
C ALA A 589 10.72 -47.04 14.39
N ASP A 590 10.92 -46.27 13.32
CA ASP A 590 12.08 -45.39 13.21
C ASP A 590 12.20 -44.48 14.43
N PHE A 591 11.06 -44.11 15.02
CA PHE A 591 11.12 -43.24 16.19
C PHE A 591 11.49 -44.02 17.44
N LEU A 592 10.82 -45.16 17.68
CA LEU A 592 11.19 -45.96 18.84
C LEU A 592 12.69 -46.25 18.84
N GLU A 593 13.26 -46.50 17.67
CA GLU A 593 14.69 -46.80 17.60
C GLU A 593 15.51 -45.55 17.86
N TYR A 594 15.12 -44.42 17.23
CA TYR A 594 15.74 -43.12 17.50
C TYR A 594 15.78 -42.78 18.98
N MET A 595 14.81 -43.28 19.76
CA MET A 595 14.74 -43.06 21.20
C MET A 595 15.38 -44.18 21.99
N GLY A 596 16.00 -45.15 21.32
CA GLY A 596 16.45 -46.34 22.01
C GLY A 596 15.34 -47.11 22.70
N MET A 597 14.08 -46.88 22.29
CA MET A 597 12.93 -47.58 22.84
C MET A 597 12.71 -48.95 22.21
N LYS A 598 13.24 -49.18 21.01
CA LYS A 598 13.25 -50.52 20.41
C LYS A 598 11.85 -51.13 20.39
N GLY A 599 11.66 -52.23 21.11
CA GLY A 599 10.38 -52.91 21.12
C GLY A 599 9.52 -52.73 22.36
N VAL A 600 9.70 -51.65 23.12
CA VAL A 600 9.04 -51.54 24.41
C VAL A 600 7.53 -51.44 24.25
N SER A 601 6.80 -51.87 25.28
CA SER A 601 5.34 -51.93 25.26
C SER A 601 4.80 -50.62 25.82
N LEU A 602 4.22 -49.80 24.95
CA LEU A 602 3.79 -48.44 25.28
C LEU A 602 2.34 -48.21 24.87
N PRO A 603 1.58 -47.48 25.66
CA PRO A 603 0.25 -47.04 25.23
C PRO A 603 0.35 -45.84 24.28
N LEU A 604 -0.72 -45.62 23.51
CA LEU A 604 -0.67 -44.66 22.41
C LEU A 604 -1.92 -43.80 22.38
N GLY A 605 -1.73 -42.48 22.46
CA GLY A 605 -2.75 -41.51 22.13
C GLY A 605 -2.54 -41.04 20.70
N PHE A 606 -3.63 -40.63 20.06
CA PHE A 606 -3.59 -40.42 18.62
C PHE A 606 -4.42 -39.21 18.24
N THR A 607 -3.77 -38.17 17.72
CA THR A 607 -4.48 -36.98 17.24
C THR A 607 -4.71 -37.15 15.75
N PHE A 608 -5.98 -37.24 15.37
CA PHE A 608 -6.36 -37.54 14.00
C PHE A 608 -7.38 -36.48 13.67
N SER A 609 -7.03 -35.52 12.80
CA SER A 609 -7.91 -34.37 12.59
C SER A 609 -8.58 -34.47 11.23
N PHE A 610 -9.67 -35.22 11.21
CA PHE A 610 -10.51 -35.44 10.05
C PHE A 610 -11.91 -35.67 10.54
N PRO A 611 -12.91 -35.50 9.71
CA PRO A 611 -14.29 -35.65 10.17
C PRO A 611 -14.62 -37.10 10.47
N CYS A 612 -14.45 -37.52 11.73
CA CYS A 612 -14.79 -38.89 12.18
C CYS A 612 -16.08 -38.94 12.98
N GLN A 613 -16.75 -40.09 12.91
CA GLN A 613 -17.76 -40.48 13.89
C GLN A 613 -17.11 -41.27 15.02
N GLN A 614 -17.06 -40.68 16.22
CA GLN A 614 -16.54 -41.40 17.38
C GLN A 614 -17.65 -42.10 18.14
N ASN A 615 -17.52 -43.41 18.28
CA ASN A 615 -18.43 -44.21 19.09
C ASN A 615 -17.91 -44.45 20.50
N SER A 616 -16.66 -44.12 20.76
CA SER A 616 -16.03 -44.28 22.06
C SER A 616 -14.61 -43.74 21.93
N LEU A 617 -13.96 -43.55 23.08
CA LEU A 617 -12.65 -42.90 23.08
C LEU A 617 -11.66 -43.60 22.16
N ASP A 618 -11.70 -44.93 22.07
CA ASP A 618 -10.78 -45.69 21.23
C ASP A 618 -11.36 -46.13 19.88
N GLU A 619 -12.53 -45.65 19.50
CA GLU A 619 -13.12 -46.05 18.22
C GLU A 619 -13.67 -44.83 17.51
N SER A 620 -13.12 -44.50 16.34
CA SER A 620 -13.72 -43.46 15.51
C SER A 620 -13.60 -43.84 14.03
N ILE A 621 -14.65 -43.53 13.29
CA ILE A 621 -14.80 -43.98 11.91
C ILE A 621 -14.62 -42.79 10.98
N LEU A 622 -13.72 -42.93 10.02
CA LEU A 622 -13.43 -41.83 9.13
C LEU A 622 -14.63 -41.58 8.22
N LEU A 623 -15.07 -40.32 8.14
CA LEU A 623 -16.18 -39.97 7.25
C LEU A 623 -15.66 -39.62 5.87
N LYS A 624 -14.80 -38.62 5.76
CA LYS A 624 -14.18 -38.32 4.47
C LYS A 624 -12.75 -37.82 4.66
N TRP A 625 -11.83 -38.31 3.82
CA TRP A 625 -10.49 -37.71 3.81
C TRP A 625 -10.60 -36.25 3.41
N THR A 626 -9.75 -35.41 4.01
CA THR A 626 -9.69 -34.00 3.69
C THR A 626 -8.22 -33.59 3.64
N LYS A 627 -7.98 -32.30 3.39
CA LYS A 627 -6.61 -31.75 3.30
C LYS A 627 -5.88 -32.52 2.19
N GLY A 628 -4.67 -33.02 2.41
CA GLY A 628 -3.96 -33.67 1.32
C GLY A 628 -4.44 -35.07 0.95
N PHE A 629 -5.11 -35.78 1.86
CA PHE A 629 -5.21 -37.23 1.76
C PHE A 629 -6.39 -37.65 0.91
N LYS A 630 -6.13 -38.52 -0.07
CA LYS A 630 -7.15 -39.44 -0.57
C LYS A 630 -6.50 -40.82 -0.63
N ALA A 631 -6.80 -41.67 0.36
CA ALA A 631 -6.24 -43.02 0.43
C ALA A 631 -7.41 -44.00 0.49
N SER A 632 -7.33 -45.06 -0.30
CA SER A 632 -8.46 -45.93 -0.54
C SER A 632 -8.65 -46.95 0.58
N GLY A 633 -9.89 -47.41 0.75
CA GLY A 633 -10.17 -48.39 1.77
C GLY A 633 -10.02 -47.89 3.18
N CYS A 634 -10.34 -46.62 3.42
CA CYS A 634 -10.25 -46.00 4.74
C CYS A 634 -11.57 -45.34 5.10
N GLU A 635 -12.09 -44.43 4.27
CA GLU A 635 -13.37 -43.83 4.57
C GLU A 635 -14.37 -44.91 4.86
N GLY A 636 -15.13 -44.72 5.93
CA GLY A 636 -16.08 -45.70 6.41
C GLY A 636 -15.52 -46.74 7.36
N GLU A 637 -14.25 -46.64 7.75
CA GLU A 637 -13.55 -47.65 8.52
C GLU A 637 -13.14 -47.13 9.89
N ASP A 638 -13.17 -48.00 10.91
CA ASP A 638 -12.58 -47.60 12.18
C ASP A 638 -11.10 -47.30 11.98
N VAL A 639 -10.68 -46.11 12.42
CA VAL A 639 -9.30 -45.72 12.20
C VAL A 639 -8.35 -46.43 13.15
N VAL A 640 -8.83 -46.79 14.34
CA VAL A 640 -7.93 -47.47 15.26
C VAL A 640 -7.63 -48.88 14.76
N THR A 641 -8.65 -49.55 14.22
CA THR A 641 -8.42 -50.88 13.64
C THR A 641 -7.42 -50.80 12.49
N LEU A 642 -7.64 -49.87 11.55
CA LEU A 642 -6.69 -49.74 10.44
C LEU A 642 -5.27 -49.55 10.96
N LEU A 643 -5.10 -48.78 12.04
CA LEU A 643 -3.77 -48.62 12.62
C LEU A 643 -3.30 -49.90 13.30
N LYS A 644 -4.15 -50.51 14.14
CA LYS A 644 -3.77 -51.76 14.80
C LYS A 644 -3.34 -52.84 13.81
N GLU A 645 -4.12 -53.02 12.74
CA GLU A 645 -3.76 -54.00 11.73
C GLU A 645 -2.39 -53.71 11.13
N ALA A 646 -2.05 -52.43 10.95
CA ALA A 646 -0.74 -52.09 10.39
C ALA A 646 0.39 -52.33 11.38
N ILE A 647 0.10 -52.29 12.68
CA ILE A 647 1.10 -52.61 13.68
C ILE A 647 1.38 -54.09 13.72
N HIS A 648 0.34 -54.92 13.60
CA HIS A 648 0.55 -56.37 13.58
C HIS A 648 1.31 -56.82 12.33
N ARG A 649 1.03 -56.24 11.16
CA ARG A 649 1.76 -56.63 9.96
C ARG A 649 3.25 -56.36 10.10
N ARG A 650 3.63 -55.43 10.99
CA ARG A 650 5.02 -55.09 11.25
C ARG A 650 5.69 -56.08 12.19
N GLU A 651 4.92 -56.73 13.07
CA GLU A 651 5.39 -57.87 13.88
C GLU A 651 6.59 -57.49 14.75
N GLU A 652 6.63 -56.27 15.27
CA GLU A 652 7.73 -55.83 16.13
C GLU A 652 7.21 -55.55 17.54
N PHE A 653 6.48 -54.46 17.74
CA PHE A 653 6.18 -53.96 19.07
C PHE A 653 4.71 -54.14 19.39
N ASP A 654 4.41 -54.23 20.69
CA ASP A 654 3.02 -54.21 21.14
C ASP A 654 2.67 -52.78 21.55
N LEU A 655 1.64 -52.22 20.91
CA LEU A 655 1.13 -50.91 21.26
C LEU A 655 -0.35 -51.02 21.62
N ASP A 656 -0.74 -50.38 22.70
CA ASP A 656 -2.11 -50.34 23.18
C ASP A 656 -2.73 -49.00 22.81
N VAL A 657 -3.64 -48.99 21.84
CA VAL A 657 -4.17 -47.73 21.33
C VAL A 657 -5.37 -47.34 22.20
N VAL A 658 -5.16 -46.36 23.07
CA VAL A 658 -6.17 -45.97 24.04
C VAL A 658 -7.16 -44.92 23.53
N ALA A 659 -6.73 -43.99 22.68
CA ALA A 659 -7.57 -42.84 22.35
C ALA A 659 -7.25 -42.27 20.98
N VAL A 660 -8.29 -41.77 20.31
CA VAL A 660 -8.16 -40.92 19.13
C VAL A 660 -8.92 -39.64 19.41
N VAL A 661 -8.28 -38.50 19.16
CA VAL A 661 -8.86 -37.20 19.47
C VAL A 661 -8.65 -36.27 18.29
N ASN A 662 -9.61 -35.37 18.10
CA ASN A 662 -9.48 -34.29 17.13
C ASN A 662 -8.42 -33.29 17.60
N ASP A 663 -7.80 -32.55 16.65
CA ASP A 663 -6.72 -31.65 17.02
C ASP A 663 -7.21 -30.54 17.95
N THR A 664 -8.42 -30.05 17.73
CA THR A 664 -9.03 -29.16 18.70
C THR A 664 -8.89 -29.75 20.11
N VAL A 665 -9.48 -30.92 20.34
CA VAL A 665 -9.43 -31.58 21.65
C VAL A 665 -7.99 -31.73 22.14
N GLY A 666 -7.11 -32.24 21.28
CA GLY A 666 -5.73 -32.39 21.67
C GLY A 666 -5.10 -31.08 22.11
N THR A 667 -5.39 -29.98 21.38
CA THR A 667 -4.90 -28.66 21.75
C THR A 667 -5.49 -28.17 23.06
N MET A 668 -6.79 -28.37 23.28
CA MET A 668 -7.35 -27.99 24.57
C MET A 668 -6.66 -28.70 25.73
N MET A 669 -6.39 -30.00 25.61
CA MET A 669 -5.71 -30.68 26.72
C MET A 669 -4.27 -30.20 26.87
N THR A 670 -3.56 -29.98 25.76
CA THR A 670 -2.18 -29.48 25.87
C THR A 670 -2.16 -28.19 26.69
N CYS A 671 -3.03 -27.24 26.34
CA CYS A 671 -3.03 -25.94 27.00
C CYS A 671 -3.60 -26.00 28.41
N GLY A 672 -4.48 -26.98 28.70
CA GLY A 672 -5.04 -27.08 30.03
C GLY A 672 -4.07 -27.61 31.08
N PHE A 673 -3.07 -28.38 30.65
CA PHE A 673 -2.02 -28.81 31.57
C PHE A 673 -1.38 -27.63 32.26
N GLU A 674 -1.06 -26.59 31.48
CA GLU A 674 -0.54 -25.34 32.03
C GLU A 674 -1.64 -24.56 32.76
N ASP A 675 -2.80 -24.39 32.13
CA ASP A 675 -3.85 -23.52 32.64
C ASP A 675 -5.14 -24.30 32.93
N PRO A 676 -5.48 -24.52 34.19
CA PRO A 676 -6.70 -25.27 34.53
C PRO A 676 -8.00 -24.57 34.16
N HIS A 677 -7.96 -23.28 33.78
CA HIS A 677 -9.13 -22.54 33.31
C HIS A 677 -9.46 -22.79 31.84
N CYS A 678 -8.68 -23.64 31.16
CA CYS A 678 -8.83 -23.84 29.73
C CYS A 678 -9.87 -24.93 29.50
N GLU A 679 -11.04 -24.49 29.07
CA GLU A 679 -12.17 -25.34 28.74
C GLU A 679 -12.50 -25.42 27.26
N VAL A 680 -11.72 -24.79 26.39
CA VAL A 680 -12.06 -24.64 24.98
C VAL A 680 -10.81 -24.94 24.17
N GLY A 681 -11.01 -25.28 22.91
CA GLY A 681 -9.88 -25.38 22.00
C GLY A 681 -10.28 -24.97 20.61
N LEU A 682 -9.32 -24.39 19.89
CA LEU A 682 -9.58 -23.70 18.64
C LEU A 682 -8.43 -23.96 17.68
N ILE A 683 -8.74 -24.34 16.44
CA ILE A 683 -7.75 -24.38 15.37
C ILE A 683 -8.14 -23.35 14.30
N VAL A 684 -7.18 -22.52 13.91
CA VAL A 684 -7.31 -21.68 12.70
C VAL A 684 -6.02 -21.84 11.90
N GLY A 685 -6.13 -22.43 10.72
CA GLY A 685 -5.03 -23.15 10.10
C GLY A 685 -5.46 -23.66 8.75
N THR A 686 -4.86 -24.76 8.29
CA THR A 686 -5.34 -25.46 7.10
C THR A 686 -6.87 -25.57 7.13
N GLY A 687 -7.43 -25.79 8.33
CA GLY A 687 -8.86 -25.71 8.51
C GLY A 687 -9.15 -25.06 9.85
N SER A 688 -10.43 -24.78 10.10
CA SER A 688 -10.83 -24.21 11.38
C SER A 688 -11.81 -25.12 12.11
N ASN A 689 -11.55 -25.38 13.40
CA ASN A 689 -12.51 -26.10 14.22
C ASN A 689 -12.38 -25.68 15.68
N ALA A 690 -13.28 -26.19 16.52
CA ALA A 690 -13.27 -25.83 17.94
C ALA A 690 -14.04 -26.85 18.79
N CYS A 691 -13.70 -26.87 20.08
CA CYS A 691 -14.34 -27.73 21.05
C CYS A 691 -14.38 -27.00 22.39
N TYR A 692 -15.47 -27.20 23.14
CA TYR A 692 -15.55 -26.93 24.57
C TYR A 692 -16.03 -28.15 25.37
N MET A 693 -16.07 -27.95 26.69
CA MET A 693 -16.58 -28.91 27.67
C MET A 693 -18.05 -28.63 27.92
N GLU A 694 -18.92 -29.53 27.47
CA GLU A 694 -20.35 -29.35 27.64
C GLU A 694 -20.85 -30.07 28.90
N GLU A 695 -22.14 -29.88 29.18
CA GLU A 695 -22.81 -30.58 30.26
C GLU A 695 -23.40 -31.88 29.72
N MET A 696 -23.10 -33.00 30.41
CA MET A 696 -23.66 -34.29 29.97
C MET A 696 -25.15 -34.24 29.75
N ARG A 697 -25.88 -33.47 30.56
CA ARG A 697 -27.32 -33.38 30.35
C ARG A 697 -27.67 -32.74 29.01
N ASN A 698 -26.77 -31.97 28.44
CA ASN A 698 -27.01 -31.34 27.13
C ASN A 698 -26.51 -32.18 25.96
N VAL A 699 -25.67 -33.18 26.21
CA VAL A 699 -25.21 -34.09 25.16
C VAL A 699 -26.20 -35.25 25.15
N GLU A 700 -27.15 -35.23 24.23
CA GLU A 700 -28.16 -36.27 24.23
C GLU A 700 -27.67 -37.55 23.55
N LEU A 701 -26.74 -37.45 22.61
CA LEU A 701 -26.24 -38.65 21.94
C LEU A 701 -25.46 -39.57 22.88
N VAL A 702 -25.22 -39.18 24.12
CA VAL A 702 -24.62 -40.07 25.11
C VAL A 702 -25.47 -40.07 26.37
N GLU A 703 -25.87 -41.26 26.80
CA GLU A 703 -26.78 -41.38 27.94
C GLU A 703 -26.08 -40.93 29.22
N GLY A 704 -26.82 -40.25 30.05
CA GLY A 704 -26.39 -39.84 31.37
C GLY A 704 -26.16 -38.35 31.46
N GLU A 705 -26.48 -37.80 32.63
CA GLU A 705 -26.50 -36.38 32.86
C GLU A 705 -25.41 -35.85 33.79
N GLU A 706 -24.49 -36.69 34.24
CA GLU A 706 -23.53 -36.28 35.25
C GLU A 706 -22.21 -35.88 34.60
N GLY A 707 -21.79 -34.65 34.85
CA GLY A 707 -20.44 -34.21 34.52
C GLY A 707 -20.33 -33.47 33.20
N ARG A 708 -19.09 -33.41 32.72
CA ARG A 708 -18.76 -32.70 31.50
C ARG A 708 -18.40 -33.71 30.42
N MET A 709 -18.66 -33.36 29.17
CA MET A 709 -17.95 -33.99 28.07
C MET A 709 -17.45 -32.92 27.09
N CYS A 710 -16.22 -33.10 26.62
CA CYS A 710 -15.77 -32.30 25.50
C CYS A 710 -16.51 -32.74 24.24
N VAL A 711 -16.89 -31.76 23.42
CA VAL A 711 -17.61 -32.03 22.18
C VAL A 711 -16.89 -31.34 21.02
N ASN A 712 -16.44 -32.12 20.06
CA ASN A 712 -15.87 -31.62 18.83
C ASN A 712 -17.00 -30.96 18.03
N MET A 713 -16.88 -29.65 17.76
CA MET A 713 -18.04 -28.99 17.17
C MET A 713 -18.14 -29.26 15.69
N GLU A 714 -17.02 -29.56 15.04
CA GLU A 714 -16.96 -29.47 13.59
C GLU A 714 -17.57 -28.16 13.08
N TRP A 715 -17.14 -27.04 13.66
CA TRP A 715 -17.86 -25.78 13.44
C TRP A 715 -17.64 -25.23 12.03
N GLY A 716 -16.61 -25.69 11.34
CA GLY A 716 -16.42 -25.34 9.94
C GLY A 716 -17.62 -25.62 9.07
N ALA A 717 -18.56 -26.48 9.50
CA ALA A 717 -19.69 -26.75 8.64
C ALA A 717 -20.88 -25.85 8.93
N PHE A 718 -20.71 -24.94 9.88
CA PHE A 718 -21.67 -23.87 10.11
C PHE A 718 -21.92 -23.09 8.82
N GLY A 719 -23.18 -22.99 8.42
CA GLY A 719 -23.53 -22.41 7.13
C GLY A 719 -23.73 -23.41 6.01
N ASP A 720 -23.59 -24.71 6.29
CA ASP A 720 -23.90 -25.67 5.24
C ASP A 720 -25.40 -25.79 5.02
N ASN A 721 -26.23 -25.36 5.97
CA ASN A 721 -27.68 -25.37 5.82
C ASN A 721 -28.24 -24.05 5.31
N GLY A 722 -27.38 -23.12 4.93
CA GLY A 722 -27.82 -21.83 4.40
C GLY A 722 -27.74 -20.69 5.38
N CYS A 723 -27.50 -20.96 6.67
CA CYS A 723 -27.69 -19.89 7.65
C CYS A 723 -26.71 -18.72 7.53
N LEU A 724 -25.64 -18.83 6.74
CA LEU A 724 -24.76 -17.69 6.53
C LEU A 724 -24.98 -16.98 5.19
N ASP A 725 -25.91 -17.45 4.35
CA ASP A 725 -25.98 -16.99 2.96
C ASP A 725 -26.11 -15.47 2.83
N ASP A 726 -26.76 -14.81 3.77
CA ASP A 726 -26.94 -13.37 3.60
C ASP A 726 -25.77 -12.54 4.14
N PHE A 727 -24.74 -13.18 4.70
CA PHE A 727 -23.44 -12.56 4.92
C PHE A 727 -22.39 -13.02 3.90
N ARG A 728 -22.77 -13.79 2.89
CA ARG A 728 -21.76 -14.28 1.96
C ARG A 728 -21.76 -13.48 0.67
N THR A 729 -20.57 -13.26 0.12
CA THR A 729 -20.43 -12.48 -1.08
C THR A 729 -20.35 -13.39 -2.30
N GLU A 730 -20.33 -12.78 -3.49
CA GLU A 730 -20.11 -13.56 -4.70
C GLU A 730 -18.78 -14.30 -4.68
N PHE A 731 -17.78 -13.76 -3.99
CA PHE A 731 -16.46 -14.39 -4.00
C PHE A 731 -16.44 -15.61 -3.11
N ASP A 732 -17.22 -15.58 -2.02
CA ASP A 732 -17.50 -16.75 -1.21
C ASP A 732 -18.18 -17.83 -2.02
N VAL A 733 -19.32 -17.49 -2.62
CA VAL A 733 -20.03 -18.41 -3.51
C VAL A 733 -19.07 -19.06 -4.50
N ALA A 734 -18.25 -18.24 -5.17
CA ALA A 734 -17.35 -18.75 -6.19
C ALA A 734 -16.29 -19.67 -5.61
N VAL A 735 -15.70 -19.29 -4.48
CA VAL A 735 -14.72 -20.16 -3.83
C VAL A 735 -15.37 -21.47 -3.47
N ASP A 736 -16.61 -21.42 -2.98
CA ASP A 736 -17.31 -22.63 -2.58
C ASP A 736 -17.59 -23.51 -3.78
N GLU A 737 -18.08 -22.91 -4.87
CA GLU A 737 -18.55 -23.73 -5.98
C GLU A 737 -17.40 -24.36 -6.76
N LEU A 738 -16.22 -23.76 -6.75
CA LEU A 738 -15.07 -24.33 -7.45
C LEU A 738 -14.21 -25.19 -6.54
N SER A 739 -14.65 -25.44 -5.31
CA SER A 739 -13.85 -26.21 -4.36
C SER A 739 -14.07 -27.71 -4.54
N LEU A 740 -13.38 -28.48 -3.72
CA LEU A 740 -13.39 -29.92 -3.83
C LEU A 740 -14.71 -30.49 -3.37
N ASN A 741 -15.29 -29.94 -2.30
CA ASN A 741 -16.58 -30.38 -1.77
C ASN A 741 -17.55 -29.21 -1.75
N PRO A 742 -18.12 -28.86 -2.89
CA PRO A 742 -19.07 -27.74 -2.94
C PRO A 742 -20.17 -27.88 -1.91
N GLY A 743 -20.47 -26.78 -1.23
CA GLY A 743 -21.54 -26.76 -0.26
C GLY A 743 -21.15 -27.26 1.12
N LYS A 744 -19.94 -27.77 1.30
CA LYS A 744 -19.48 -28.27 2.58
C LYS A 744 -18.42 -27.33 3.14
N GLN A 745 -18.46 -27.13 4.46
CA GLN A 745 -17.43 -26.38 5.18
C GLN A 745 -17.44 -24.87 4.82
N ARG A 746 -18.64 -24.30 4.65
CA ARG A 746 -18.76 -22.93 4.20
C ARG A 746 -18.15 -21.95 5.19
N PHE A 747 -18.30 -22.17 6.49
CA PHE A 747 -17.77 -21.20 7.46
C PHE A 747 -16.25 -21.29 7.51
N GLU A 748 -15.73 -22.52 7.42
CA GLU A 748 -14.30 -22.72 7.30
C GLU A 748 -13.72 -21.92 6.13
N LYS A 749 -14.47 -21.82 5.05
CA LYS A 749 -14.00 -21.22 3.82
C LYS A 749 -14.01 -19.70 3.87
N MET A 750 -14.75 -19.13 4.82
CA MET A 750 -14.67 -17.72 5.11
C MET A 750 -13.55 -17.37 6.10
N ILE A 751 -13.17 -18.28 7.00
CA ILE A 751 -12.27 -17.91 8.08
C ILE A 751 -10.87 -18.53 8.03
N SER A 752 -10.52 -19.32 7.03
CA SER A 752 -9.23 -20.02 7.21
C SER A 752 -8.76 -20.68 5.92
N GLY A 753 -7.67 -21.43 6.05
CA GLY A 753 -7.00 -22.28 5.08
C GLY A 753 -6.61 -21.55 3.81
N MET A 754 -6.51 -22.31 2.73
CA MET A 754 -6.24 -21.70 1.44
C MET A 754 -7.34 -20.71 1.09
N TYR A 755 -8.52 -20.89 1.68
CA TYR A 755 -9.73 -20.23 1.17
C TYR A 755 -9.60 -18.71 1.21
N LEU A 756 -8.78 -18.21 2.13
CA LEU A 756 -8.59 -16.78 2.31
C LEU A 756 -7.81 -16.17 1.14
N GLY A 757 -6.65 -16.74 0.83
CA GLY A 757 -5.94 -16.35 -0.38
C GLY A 757 -6.82 -16.41 -1.62
N GLU A 758 -7.71 -17.42 -1.71
CA GLU A 758 -8.61 -17.52 -2.87
C GLU A 758 -9.61 -16.40 -2.91
N ILE A 759 -10.10 -15.96 -1.75
CA ILE A 759 -11.02 -14.82 -1.74
C ILE A 759 -10.28 -13.60 -2.26
N VAL A 760 -9.04 -13.41 -1.80
CA VAL A 760 -8.23 -12.29 -2.29
C VAL A 760 -8.09 -12.35 -3.80
N ARG A 761 -7.55 -13.46 -4.35
CA ARG A 761 -7.32 -13.44 -5.79
C ARG A 761 -8.61 -13.49 -6.58
N ASN A 762 -9.73 -13.88 -5.98
CA ASN A 762 -10.97 -13.66 -6.71
C ASN A 762 -11.31 -12.17 -6.76
N ILE A 763 -11.02 -11.45 -5.68
CA ILE A 763 -11.26 -10.01 -5.67
C ILE A 763 -10.30 -9.29 -6.62
N LEU A 764 -9.00 -9.62 -6.53
CA LEU A 764 -8.02 -8.95 -7.39
C LEU A 764 -8.36 -9.18 -8.86
N ILE A 765 -8.80 -10.38 -9.22
CA ILE A 765 -9.20 -10.60 -10.60
C ILE A 765 -10.47 -9.84 -10.93
N ASP A 766 -11.40 -9.72 -9.99
CA ASP A 766 -12.57 -8.92 -10.29
C ASP A 766 -12.22 -7.46 -10.48
N PHE A 767 -11.29 -6.95 -9.67
CA PHE A 767 -10.86 -5.57 -9.82
C PHE A 767 -10.15 -5.33 -11.15
N THR A 768 -9.17 -6.18 -11.48
CA THR A 768 -8.45 -6.02 -12.73
C THR A 768 -9.41 -6.04 -13.92
N LYS A 769 -10.34 -7.00 -13.96
CA LYS A 769 -11.26 -7.02 -15.10
C LYS A 769 -12.00 -5.69 -15.25
N ARG A 770 -12.30 -5.01 -14.15
CA ARG A 770 -13.07 -3.79 -14.22
C ARG A 770 -12.17 -2.58 -14.41
N GLY A 771 -10.88 -2.83 -14.66
CA GLY A 771 -9.86 -1.81 -14.80
C GLY A 771 -9.54 -1.06 -13.53
N LEU A 772 -9.87 -1.63 -12.38
CA LEU A 772 -9.69 -0.95 -11.10
C LEU A 772 -8.36 -1.28 -10.44
N LEU A 773 -7.54 -2.14 -11.04
CA LEU A 773 -6.26 -2.51 -10.46
C LEU A 773 -5.34 -2.95 -11.59
N PHE A 774 -4.03 -2.83 -11.37
CA PHE A 774 -3.00 -3.23 -12.34
C PHE A 774 -3.26 -2.63 -13.73
N ARG A 775 -3.97 -1.50 -13.79
CA ARG A 775 -4.35 -0.90 -15.07
C ARG A 775 -4.89 -1.93 -16.06
N GLY A 776 -5.68 -2.88 -15.54
CA GLY A 776 -6.46 -3.79 -16.37
C GLY A 776 -5.72 -5.00 -16.88
N ARG A 777 -4.41 -5.10 -16.65
CA ARG A 777 -3.56 -6.12 -17.26
C ARG A 777 -3.50 -7.34 -16.35
N ILE A 778 -3.92 -8.49 -16.88
CA ILE A 778 -4.03 -9.73 -16.13
C ILE A 778 -2.81 -10.60 -16.37
N SER A 779 -2.16 -11.03 -15.29
CA SER A 779 -1.13 -12.06 -15.35
C SER A 779 -1.75 -13.43 -15.66
N GLU A 780 -0.94 -14.33 -16.22
CA GLU A 780 -1.40 -15.71 -16.37
C GLU A 780 -1.34 -16.44 -15.03
N ARG A 781 -0.28 -16.22 -14.25
CA ARG A 781 -0.21 -16.77 -12.89
C ARG A 781 -1.47 -16.42 -12.10
N LEU A 782 -1.89 -15.15 -12.16
CA LEU A 782 -3.01 -14.72 -11.34
C LEU A 782 -4.26 -15.54 -11.66
N LYS A 783 -4.40 -16.03 -12.90
CA LYS A 783 -5.57 -16.80 -13.31
C LYS A 783 -5.64 -18.21 -12.70
N THR A 784 -4.63 -18.62 -11.94
CA THR A 784 -4.47 -20.01 -11.51
C THR A 784 -5.06 -20.19 -10.10
N ARG A 785 -6.07 -21.06 -9.99
CA ARG A 785 -6.61 -21.35 -8.67
C ARG A 785 -5.49 -21.79 -7.74
N GLY A 786 -5.56 -21.33 -6.49
CA GLY A 786 -4.61 -21.69 -5.46
C GLY A 786 -3.30 -20.96 -5.51
N ILE A 787 -3.09 -20.08 -6.48
CA ILE A 787 -1.78 -19.46 -6.65
C ILE A 787 -1.49 -18.44 -5.57
N PHE A 788 -2.53 -17.90 -4.93
CA PHE A 788 -2.31 -16.78 -4.02
C PHE A 788 -2.47 -17.35 -2.62
N GLU A 789 -1.33 -17.65 -2.04
CA GLU A 789 -1.24 -18.48 -0.86
C GLU A 789 -1.66 -17.64 0.33
N THR A 790 -2.29 -18.28 1.32
CA THR A 790 -2.76 -17.50 2.45
C THR A 790 -1.62 -16.87 3.24
N LYS A 791 -0.39 -17.40 3.15
CA LYS A 791 0.71 -16.73 3.83
C LYS A 791 1.03 -15.38 3.20
N PHE A 792 0.67 -15.15 1.93
CA PHE A 792 0.85 -13.82 1.36
C PHE A 792 0.07 -12.77 2.13
N LEU A 793 -1.11 -13.14 2.65
CA LEU A 793 -1.89 -12.17 3.41
C LEU A 793 -1.12 -11.68 4.63
N SER A 794 -0.38 -12.58 5.27
CA SER A 794 0.39 -12.16 6.44
C SER A 794 1.59 -11.33 6.02
N GLN A 795 2.25 -11.73 4.94
CA GLN A 795 3.40 -10.97 4.48
C GLN A 795 2.98 -9.61 3.95
N ILE A 796 1.85 -9.56 3.25
CA ILE A 796 1.45 -8.29 2.68
C ILE A 796 0.98 -7.33 3.75
N GLU A 797 0.34 -7.83 4.79
CA GLU A 797 -0.20 -6.95 5.80
C GLU A 797 0.80 -6.60 6.90
N SER A 798 1.93 -7.32 6.96
CA SER A 798 3.05 -7.01 7.85
C SER A 798 3.98 -5.99 7.24
N ASP A 799 3.68 -5.51 6.04
CA ASP A 799 4.61 -4.76 5.22
C ASP A 799 4.22 -3.28 5.29
N CYS A 800 5.22 -2.41 5.21
CA CYS A 800 4.96 -0.99 5.44
C CYS A 800 5.89 -0.15 4.55
N LEU A 801 5.70 1.18 4.61
CA LEU A 801 6.59 2.12 3.93
C LEU A 801 6.68 1.88 2.41
N ALA A 802 7.85 1.44 1.95
CA ALA A 802 8.03 1.23 0.51
C ALA A 802 7.14 0.11 -0.05
N LEU A 803 6.65 -0.80 0.81
CA LEU A 803 5.84 -1.95 0.40
C LEU A 803 6.60 -2.83 -0.59
N LEU A 804 7.87 -3.09 -0.28
CA LEU A 804 8.68 -3.84 -1.25
C LEU A 804 8.29 -5.30 -1.28
N GLN A 805 7.90 -5.85 -0.14
CA GLN A 805 7.54 -7.25 -0.05
C GLN A 805 6.20 -7.52 -0.75
N VAL A 806 5.29 -6.56 -0.75
CA VAL A 806 4.07 -6.70 -1.52
C VAL A 806 4.41 -6.79 -3.00
N ARG A 807 5.24 -5.86 -3.49
CA ARG A 807 5.65 -5.90 -4.89
C ARG A 807 6.36 -7.22 -5.24
N ALA A 808 7.26 -7.68 -4.36
CA ALA A 808 7.93 -8.96 -4.61
C ALA A 808 6.92 -10.05 -4.90
N ILE A 809 5.82 -10.06 -4.15
CA ILE A 809 4.79 -11.07 -4.33
C ILE A 809 4.07 -10.83 -5.65
N LEU A 810 3.65 -9.59 -5.91
CA LEU A 810 2.96 -9.31 -7.17
C LEU A 810 3.85 -9.62 -8.38
N GLN A 811 5.16 -9.49 -8.22
CA GLN A 811 6.07 -9.92 -9.27
C GLN A 811 5.99 -11.42 -9.49
N HIS A 812 6.16 -12.17 -8.42
CA HIS A 812 6.02 -13.63 -8.41
C HIS A 812 4.81 -14.12 -9.20
N LEU A 813 3.68 -13.41 -9.11
CA LEU A 813 2.51 -13.73 -9.91
C LEU A 813 2.57 -12.75 -11.06
N GLY A 814 3.22 -13.09 -12.16
CA GLY A 814 3.91 -11.97 -12.74
C GLY A 814 3.00 -10.85 -13.19
N LEU A 815 2.99 -9.77 -12.42
CA LEU A 815 2.04 -8.67 -12.58
C LEU A 815 2.83 -7.37 -12.69
N GLU A 816 2.39 -6.49 -13.58
CA GLU A 816 3.04 -5.20 -13.73
C GLU A 816 2.30 -4.26 -12.80
N SER A 817 2.96 -3.88 -11.71
CA SER A 817 2.28 -3.26 -10.58
C SER A 817 2.99 -1.96 -10.22
N THR A 818 2.21 -0.91 -9.98
CA THR A 818 2.73 0.31 -9.42
C THR A 818 2.76 0.23 -7.89
N CYS A 819 3.31 1.25 -7.25
CA CYS A 819 3.32 1.28 -5.79
C CYS A 819 1.95 1.59 -5.22
N ASP A 820 1.05 2.12 -6.05
CA ASP A 820 -0.34 2.32 -5.66
C ASP A 820 -1.14 1.03 -5.71
N ASP A 821 -0.84 0.17 -6.69
CA ASP A 821 -1.40 -1.17 -6.69
C ASP A 821 -1.10 -1.89 -5.39
N SER A 822 0.17 -1.85 -4.96
CA SER A 822 0.53 -2.51 -3.72
C SER A 822 -0.35 -2.04 -2.58
N ILE A 823 -0.62 -0.74 -2.50
CA ILE A 823 -1.49 -0.21 -1.47
C ILE A 823 -2.89 -0.81 -1.59
N ILE A 824 -3.44 -0.90 -2.81
CA ILE A 824 -4.77 -1.49 -2.95
C ILE A 824 -4.77 -2.97 -2.58
N VAL A 825 -3.76 -3.73 -3.03
CA VAL A 825 -3.66 -5.14 -2.68
C VAL A 825 -3.59 -5.31 -1.17
N LYS A 826 -2.76 -4.51 -0.49
CA LYS A 826 -2.73 -4.55 0.97
C LYS A 826 -4.08 -4.19 1.57
N GLU A 827 -4.81 -3.27 0.95
CA GLU A 827 -6.15 -3.01 1.48
C GLU A 827 -7.00 -4.28 1.42
N VAL A 828 -6.95 -5.00 0.29
CA VAL A 828 -7.82 -6.17 0.14
C VAL A 828 -7.48 -7.25 1.16
N CYS A 829 -6.19 -7.55 1.33
CA CYS A 829 -5.83 -8.56 2.31
C CYS A 829 -6.26 -8.19 3.72
N THR A 830 -6.33 -6.90 4.02
CA THR A 830 -6.73 -6.47 5.36
C THR A 830 -8.23 -6.63 5.58
N VAL A 831 -9.03 -6.36 4.53
CA VAL A 831 -10.47 -6.56 4.65
C VAL A 831 -10.78 -8.03 4.86
N VAL A 832 -10.22 -8.87 4.00
CA VAL A 832 -10.50 -10.30 4.04
C VAL A 832 -10.08 -10.88 5.39
N ALA A 833 -8.85 -10.59 5.83
CA ALA A 833 -8.39 -11.18 7.09
C ALA A 833 -9.10 -10.59 8.30
N ARG A 834 -9.69 -9.40 8.17
CA ARG A 834 -10.50 -8.89 9.27
C ARG A 834 -11.87 -9.56 9.32
N ARG A 835 -12.49 -9.83 8.17
CA ARG A 835 -13.74 -10.57 8.18
C ARG A 835 -13.50 -11.97 8.74
N ALA A 836 -12.37 -12.58 8.38
CA ALA A 836 -12.02 -13.87 8.96
C ALA A 836 -11.95 -13.79 10.48
N ALA A 837 -11.15 -12.86 11.02
CA ALA A 837 -10.96 -12.86 12.47
C ALA A 837 -12.23 -12.44 13.20
N GLN A 838 -13.07 -11.60 12.57
CA GLN A 838 -14.34 -11.24 13.21
C GLN A 838 -15.33 -12.39 13.21
N LEU A 839 -15.40 -13.15 12.11
CA LEU A 839 -16.31 -14.29 12.08
C LEU A 839 -15.87 -15.32 13.11
N CYS A 840 -14.62 -15.74 13.06
CA CYS A 840 -14.12 -16.65 14.08
C CYS A 840 -14.46 -16.12 15.47
N GLY A 841 -14.35 -14.82 15.66
CA GLY A 841 -14.66 -14.26 16.98
C GLY A 841 -16.13 -14.38 17.33
N ALA A 842 -17.01 -14.25 16.34
CA ALA A 842 -18.44 -14.38 16.62
C ALA A 842 -18.81 -15.81 16.97
N GLY A 843 -18.17 -16.79 16.33
CA GLY A 843 -18.36 -18.16 16.75
C GLY A 843 -17.87 -18.40 18.17
N MET A 844 -16.62 -18.02 18.43
CA MET A 844 -16.04 -18.23 19.76
C MET A 844 -16.77 -17.46 20.84
N ALA A 845 -17.52 -16.40 20.48
CA ALA A 845 -18.32 -15.70 21.48
C ALA A 845 -19.49 -16.56 21.90
N ALA A 846 -20.17 -17.16 20.93
CA ALA A 846 -21.26 -18.08 21.20
C ALA A 846 -20.78 -19.27 22.02
N VAL A 847 -19.62 -19.82 21.69
CA VAL A 847 -19.06 -20.92 22.48
C VAL A 847 -18.92 -20.52 23.94
N VAL A 848 -18.20 -19.45 24.23
CA VAL A 848 -17.89 -19.18 25.64
C VAL A 848 -19.11 -18.73 26.41
N ASP A 849 -20.05 -18.05 25.74
CA ASP A 849 -21.21 -17.51 26.41
C ASP A 849 -22.20 -18.63 26.72
N ARG A 850 -22.20 -19.68 25.88
CA ARG A 850 -22.94 -20.89 26.19
C ARG A 850 -22.36 -21.61 27.40
N ILE A 851 -21.03 -21.76 27.48
CA ILE A 851 -20.47 -22.33 28.71
C ILE A 851 -20.91 -21.52 29.93
N ARG A 852 -21.00 -20.20 29.80
CA ARG A 852 -21.41 -19.38 30.93
C ARG A 852 -22.84 -19.69 31.36
N GLU A 853 -23.78 -19.71 30.41
CA GLU A 853 -25.19 -19.89 30.73
C GLU A 853 -25.44 -21.29 31.29
N ASN A 854 -24.83 -22.31 30.68
CA ASN A 854 -24.99 -23.68 31.16
C ASN A 854 -24.80 -23.78 32.66
N ARG A 855 -23.88 -22.99 33.20
CA ARG A 855 -23.46 -23.06 34.58
C ARG A 855 -24.16 -22.03 35.47
N GLY A 856 -25.16 -21.32 34.94
CA GLY A 856 -25.85 -20.29 35.69
C GLY A 856 -25.08 -19.01 35.92
N LEU A 857 -23.80 -18.96 35.57
CA LEU A 857 -22.92 -17.90 36.06
C LEU A 857 -23.33 -16.52 35.54
N ASP A 858 -23.02 -15.49 36.32
CA ASP A 858 -23.12 -14.13 35.81
C ASP A 858 -21.89 -13.73 35.01
N ALA A 859 -20.73 -14.28 35.35
CA ALA A 859 -19.47 -13.94 34.74
C ALA A 859 -18.61 -15.21 34.64
N LEU A 860 -17.98 -15.43 33.48
CA LEU A 860 -17.17 -16.61 33.26
C LEU A 860 -15.74 -16.24 32.88
N LYS A 861 -14.78 -16.85 33.54
CA LYS A 861 -13.36 -16.65 33.28
C LYS A 861 -12.82 -17.91 32.61
N VAL A 862 -12.54 -17.83 31.30
CA VAL A 862 -12.16 -19.00 30.50
C VAL A 862 -10.85 -18.73 29.80
N THR A 863 -10.15 -19.81 29.48
CA THR A 863 -8.98 -19.83 28.62
C THR A 863 -9.29 -20.70 27.41
N VAL A 864 -8.80 -20.28 26.24
CA VAL A 864 -9.02 -20.98 24.97
C VAL A 864 -7.67 -21.42 24.41
N GLY A 865 -7.42 -22.73 24.35
CA GLY A 865 -6.22 -23.23 23.70
C GLY A 865 -6.33 -23.06 22.19
N VAL A 866 -5.34 -22.40 21.58
CA VAL A 866 -5.38 -22.08 20.16
C VAL A 866 -4.18 -22.70 19.48
N ASP A 867 -4.34 -22.98 18.18
CA ASP A 867 -3.21 -23.42 17.38
C ASP A 867 -3.58 -23.21 15.92
N GLY A 868 -2.66 -23.55 15.03
CA GLY A 868 -2.76 -23.30 13.61
C GLY A 868 -1.92 -22.14 13.10
N THR A 869 -1.37 -22.30 11.89
CA THR A 869 -0.38 -21.36 11.37
C THR A 869 -0.97 -19.98 11.12
N LEU A 870 -2.18 -19.91 10.57
CA LEU A 870 -2.78 -18.60 10.31
C LEU A 870 -2.95 -17.80 11.61
N TYR A 871 -3.31 -18.45 12.71
CA TYR A 871 -3.54 -17.69 13.93
C TYR A 871 -2.23 -17.09 14.43
N LYS A 872 -1.15 -17.88 14.45
CA LYS A 872 0.10 -17.44 15.05
C LYS A 872 1.05 -16.65 14.12
N LEU A 873 0.95 -16.78 12.80
CA LEU A 873 1.81 -15.97 11.96
C LEU A 873 1.13 -14.74 11.39
N HIS A 874 -0.16 -14.60 11.52
CA HIS A 874 -0.72 -13.41 10.90
C HIS A 874 -0.57 -12.22 11.85
N PRO A 875 -0.30 -11.03 11.31
CA PRO A 875 -0.01 -9.89 12.22
C PRO A 875 -1.20 -9.41 13.04
N HIS A 876 -2.40 -9.32 12.48
CA HIS A 876 -3.52 -8.78 13.23
C HIS A 876 -4.60 -9.78 13.69
N PHE A 877 -4.54 -11.05 13.28
CA PHE A 877 -5.79 -11.81 13.38
C PHE A 877 -6.08 -12.28 14.81
N ALA A 878 -5.09 -12.79 15.55
CA ALA A 878 -5.31 -13.00 16.97
C ALA A 878 -5.84 -11.73 17.64
N LYS A 879 -5.22 -10.59 17.38
CA LYS A 879 -5.65 -9.35 18.01
C LYS A 879 -7.13 -9.09 17.76
N VAL A 880 -7.57 -9.23 16.51
CA VAL A 880 -8.92 -8.83 16.13
C VAL A 880 -9.96 -9.82 16.64
N MET A 881 -9.61 -11.10 16.67
CA MET A 881 -10.54 -12.07 17.24
C MET A 881 -10.78 -11.79 18.72
N HIS A 882 -9.71 -11.67 19.49
CA HIS A 882 -9.82 -11.39 20.92
C HIS A 882 -10.71 -10.16 21.18
N GLU A 883 -10.53 -9.11 20.40
CA GLU A 883 -11.38 -7.94 20.50
C GLU A 883 -12.82 -8.27 20.20
N THR A 884 -13.07 -9.06 19.16
CA THR A 884 -14.45 -9.43 18.84
C THR A 884 -15.10 -10.23 19.97
N VAL A 885 -14.35 -11.15 20.57
CA VAL A 885 -14.91 -11.91 21.68
C VAL A 885 -15.24 -10.97 22.82
N LYS A 886 -14.31 -10.11 23.20
CA LYS A 886 -14.58 -9.17 24.30
C LYS A 886 -15.76 -8.27 23.97
N ASP A 887 -16.00 -8.02 22.70
CA ASP A 887 -17.07 -7.11 22.29
C ASP A 887 -18.42 -7.81 22.25
N LEU A 888 -18.44 -9.07 21.80
CA LEU A 888 -19.68 -9.81 21.60
C LEU A 888 -20.08 -10.68 22.78
N ALA A 889 -19.19 -10.97 23.72
CA ALA A 889 -19.50 -11.72 24.94
C ALA A 889 -18.94 -10.93 26.12
N PRO A 890 -19.56 -9.79 26.43
CA PRO A 890 -19.07 -8.92 27.52
C PRO A 890 -18.98 -9.60 28.88
N LYS A 891 -19.82 -10.59 29.15
CA LYS A 891 -19.82 -11.22 30.46
C LYS A 891 -18.73 -12.28 30.61
N CYS A 892 -17.96 -12.56 29.57
CA CYS A 892 -16.91 -13.57 29.62
C CYS A 892 -15.55 -12.89 29.51
N ASP A 893 -14.59 -13.36 30.28
CA ASP A 893 -13.23 -12.83 30.29
C ASP A 893 -12.29 -13.92 29.79
N VAL A 894 -11.97 -13.86 28.50
CA VAL A 894 -11.37 -14.98 27.77
C VAL A 894 -9.90 -14.68 27.59
N SER A 895 -9.05 -15.55 28.10
CA SER A 895 -7.65 -15.58 27.75
C SER A 895 -7.45 -16.57 26.61
N PHE A 896 -6.51 -16.28 25.71
CA PHE A 896 -6.11 -17.29 24.76
C PHE A 896 -4.68 -17.69 25.05
N LEU A 897 -4.36 -18.94 24.74
CA LEU A 897 -3.06 -19.50 25.02
C LEU A 897 -2.68 -20.37 23.83
N GLN A 898 -1.40 -20.39 23.49
CA GLN A 898 -0.90 -20.83 22.20
C GLN A 898 0.04 -21.99 22.48
N SER A 899 -0.31 -23.20 22.04
CA SER A 899 0.14 -24.39 22.77
C SER A 899 1.66 -24.51 22.77
N GLU A 900 2.29 -24.35 21.61
CA GLU A 900 3.75 -24.46 21.45
C GLU A 900 4.26 -25.90 21.50
N ASP A 901 3.52 -26.81 22.13
CA ASP A 901 3.84 -28.23 22.13
C ASP A 901 3.01 -29.05 21.15
N GLY A 902 2.03 -28.45 20.49
CA GLY A 902 1.24 -29.18 19.53
C GLY A 902 0.19 -30.07 20.18
N SER A 903 -0.79 -30.46 19.36
CA SER A 903 -1.90 -31.26 19.84
C SER A 903 -1.49 -32.67 20.23
N GLY A 904 -0.35 -33.16 19.77
CA GLY A 904 0.13 -34.47 20.21
C GLY A 904 0.26 -34.57 21.72
N LYS A 905 0.87 -33.56 22.34
CA LYS A 905 1.06 -33.61 23.78
C LYS A 905 -0.26 -33.83 24.53
N GLY A 906 -1.38 -33.38 23.96
CA GLY A 906 -2.65 -33.57 24.62
C GLY A 906 -3.27 -34.92 24.35
N ALA A 907 -3.00 -35.47 23.16
CA ALA A 907 -3.30 -36.88 22.91
C ALA A 907 -2.68 -37.75 23.98
N ALA A 908 -1.40 -37.51 24.27
CA ALA A 908 -0.71 -38.30 25.27
C ALA A 908 -1.27 -38.06 26.67
N LEU A 909 -1.70 -36.83 26.95
CA LEU A 909 -2.29 -36.57 28.26
C LEU A 909 -3.66 -37.23 28.40
N ILE A 910 -4.48 -37.16 27.34
CA ILE A 910 -5.78 -37.83 27.38
C ILE A 910 -5.61 -39.34 27.58
N THR A 911 -4.55 -39.92 26.99
CA THR A 911 -4.24 -41.33 27.22
C THR A 911 -3.89 -41.60 28.68
N ALA A 912 -2.94 -40.83 29.23
CA ALA A 912 -2.52 -41.03 30.62
C ALA A 912 -3.71 -40.93 31.56
N VAL A 913 -4.56 -39.92 31.37
CA VAL A 913 -5.74 -39.79 32.20
C VAL A 913 -6.67 -41.00 32.03
N ALA A 914 -6.72 -41.57 30.83
CA ALA A 914 -7.60 -42.70 30.62
C ALA A 914 -7.06 -43.96 31.28
N CYS A 915 -5.74 -44.03 31.46
CA CYS A 915 -5.15 -45.17 32.16
C CYS A 915 -5.45 -45.12 33.67
N ARG A 916 -5.09 -44.03 34.35
CA ARG A 916 -5.36 -43.98 35.79
C ARG A 916 -6.79 -44.36 36.11
N ILE A 917 -7.75 -43.93 35.29
CA ILE A 917 -9.14 -44.22 35.60
C ILE A 917 -9.40 -45.71 35.62
N ARG A 918 -8.74 -46.47 34.74
CA ARG A 918 -8.89 -47.92 34.81
C ARG A 918 -7.95 -48.53 35.86
N GLU A 919 -6.75 -47.96 36.04
CA GLU A 919 -5.86 -48.31 37.14
C GLU A 919 -6.28 -47.64 38.45
#